data_4LHZ
#
_entry.id   4LHZ
#
_cell.length_a   81.337
_cell.length_b   165.561
_cell.length_c   167.263
_cell.angle_alpha   90.00
_cell.angle_beta   90.00
_cell.angle_gamma   90.00
#
_symmetry.space_group_name_H-M   'C 2 2 21'
#
loop_
_entity.id
_entity.type
_entity.pdbx_description
1 polymer 'Ras-related protein Rab-8A'
2 polymer 'Rab-3A-interacting protein'
3 non-polymer "GUANOSINE-5'-TRIPHOSPHATE"
#
loop_
_entity_poly.entity_id
_entity_poly.type
_entity_poly.pdbx_seq_one_letter_code
_entity_poly.pdbx_strand_id
1 'polypeptide(L)'
;GHMAKTYDYLFKLLLIGDSGVGKTCVLFRFSEDAFNSTFISTIGIDFKIRTIELDGKRIKLQIWDTAGQERFRTITTAYY
RGAMGIMLVYDITNEKSFDNIRNWIRNIEEHASADVEKMILGNKCDVNDKRQVSKERGEKLALDYGIKFMETSAKANINV
ENAFFTLARDIKAKMDKKLEGNSPQG
;
A,B
2 'polypeptide(L)' GPGYERLKEELAKAQRELKLKDEECERLSKVRDQLGQELEELTASLFEEAHKMVREANIKQATAEKQLKEAQGKIDVL C,D,E,F
#
loop_
_chem_comp.id
_chem_comp.type
_chem_comp.name
_chem_comp.formula
GTP non-polymer GUANOSINE-5'-TRIPHOSPHATE 'C10 H16 N5 O14 P3'
#
# COMPACT_ATOMS: atom_id res chain seq x y z
N LYS A 5 48.13 -10.67 -1.44
CA LYS A 5 47.46 -11.99 -1.54
C LYS A 5 45.92 -11.84 -1.56
N THR A 6 45.25 -12.93 -1.16
CA THR A 6 43.77 -13.00 -1.08
C THR A 6 43.11 -11.75 -0.45
N TYR A 7 41.98 -11.25 -0.96
CA TYR A 7 41.01 -11.86 -1.94
C TYR A 7 41.38 -12.23 -3.40
N ASP A 8 40.45 -12.93 -4.06
CA ASP A 8 40.53 -13.12 -5.53
C ASP A 8 39.27 -12.66 -6.34
N TYR A 9 38.51 -11.69 -5.79
CA TYR A 9 37.59 -10.73 -6.55
C TYR A 9 37.10 -9.44 -5.80
N LEU A 10 36.64 -8.35 -6.45
CA LEU A 10 36.09 -7.26 -5.67
C LEU A 10 34.78 -6.76 -6.21
N PHE A 11 33.66 -7.19 -5.63
CA PHE A 11 32.38 -6.63 -5.96
C PHE A 11 32.02 -5.42 -5.12
N LYS A 12 31.53 -4.39 -5.83
CA LYS A 12 31.14 -3.15 -5.23
C LYS A 12 29.63 -3.15 -5.31
N LEU A 13 29.04 -3.03 -4.13
CA LEU A 13 27.61 -3.11 -3.98
C LEU A 13 27.10 -1.81 -3.39
N LEU A 14 25.80 -1.59 -3.55
CA LEU A 14 25.15 -0.38 -3.07
C LEU A 14 23.81 -0.70 -2.48
N LEU A 15 23.50 -0.06 -1.36
CA LEU A 15 22.15 -0.15 -0.80
C LEU A 15 21.42 1.14 -0.98
N ILE A 16 20.26 1.14 -1.62
CA ILE A 16 19.53 2.40 -1.80
C ILE A 16 18.05 2.29 -1.46
N GLY A 17 17.42 3.39 -1.08
CA GLY A 17 16.02 3.38 -0.69
C GLY A 17 15.59 4.48 0.26
N ASP A 18 14.32 4.49 0.59
CA ASP A 18 13.73 5.44 1.48
C ASP A 18 14.31 5.27 2.83
N SER A 19 14.21 6.35 3.56
CA SER A 19 14.68 6.42 4.90
C SER A 19 13.62 5.88 5.74
N GLY A 20 13.98 4.99 6.64
CA GLY A 20 13.07 4.49 7.63
C GLY A 20 13.01 3.04 7.39
N VAL A 21 13.40 2.70 6.20
CA VAL A 21 13.21 1.40 5.67
C VAL A 21 14.12 0.37 6.26
N GLY A 22 15.18 0.82 6.89
CA GLY A 22 16.16 -0.09 7.53
C GLY A 22 17.23 -0.70 6.61
N LYS A 23 17.52 0.02 5.51
CA LYS A 23 18.74 -0.16 4.73
C LYS A 23 19.94 -0.38 5.63
N THR A 24 20.13 0.51 6.58
CA THR A 24 21.34 0.45 7.38
C THR A 24 21.47 -0.74 8.32
N CYS A 25 20.38 -1.25 8.91
CA CYS A 25 20.52 -2.46 9.72
C CYS A 25 20.79 -3.61 8.85
N VAL A 26 20.21 -3.60 7.69
CA VAL A 26 20.30 -4.73 6.80
C VAL A 26 21.73 -5.01 6.43
N LEU A 27 22.50 -3.95 6.49
CA LEU A 27 23.89 -3.97 6.23
C LEU A 27 24.51 -4.49 7.46
N PHE A 28 24.29 -3.77 8.54
CA PHE A 28 25.03 -3.99 9.77
C PHE A 28 24.95 -5.46 10.19
N ARG A 29 23.91 -6.15 9.72
CA ARG A 29 23.70 -7.55 10.05
C ARG A 29 24.55 -8.44 9.15
N PHE A 30 24.74 -8.02 7.90
CA PHE A 30 25.54 -8.77 6.94
C PHE A 30 27.02 -8.65 7.26
N SER A 31 27.47 -7.42 7.51
CA SER A 31 28.84 -7.18 7.83
C SER A 31 29.21 -7.65 9.22
N GLU A 32 28.23 -8.00 10.04
CA GLU A 32 28.49 -8.64 11.32
C GLU A 32 29.02 -7.76 12.44
N ASP A 33 28.67 -6.49 12.45
CA ASP A 33 29.16 -5.53 13.43
C ASP A 33 28.49 -5.87 14.75
N ALA A 34 29.19 -5.61 15.84
CA ALA A 34 28.66 -5.86 17.21
C ALA A 34 27.86 -4.66 17.71
N PHE A 35 27.83 -3.62 16.89
CA PHE A 35 27.44 -2.30 17.31
C PHE A 35 26.59 -1.57 16.27
N ASN A 36 26.06 -0.46 16.75
CA ASN A 36 24.97 0.30 16.19
C ASN A 36 25.47 1.55 15.52
N SER A 37 26.70 1.95 15.85
CA SER A 37 27.18 3.28 15.50
C SER A 37 27.25 3.44 14.01
N THR A 38 26.71 4.51 13.45
CA THR A 38 26.82 4.67 12.06
C THR A 38 26.76 6.11 11.77
N PHE A 39 27.05 6.44 10.53
CA PHE A 39 27.12 7.80 10.13
C PHE A 39 25.96 8.01 9.20
N ILE A 40 25.14 7.00 9.03
CA ILE A 40 24.07 7.21 8.10
C ILE A 40 23.20 8.36 8.56
N SER A 41 22.96 8.47 9.85
CA SER A 41 21.92 9.37 10.31
C SER A 41 22.23 10.79 9.93
N THR A 42 23.43 11.11 10.31
CA THR A 42 24.14 12.41 10.33
C THR A 42 24.75 12.73 9.00
N ILE A 43 25.50 11.82 8.42
CA ILE A 43 26.12 12.12 7.14
C ILE A 43 25.30 11.70 5.93
N GLY A 44 24.68 10.55 6.06
CA GLY A 44 24.08 9.92 4.91
C GLY A 44 24.99 9.02 4.10
N ILE A 45 26.12 8.60 4.62
CA ILE A 45 26.81 7.55 3.93
C ILE A 45 27.34 6.60 4.99
N ASP A 46 27.39 5.33 4.66
CA ASP A 46 28.17 4.42 5.43
C ASP A 46 28.52 3.24 4.54
N PHE A 47 29.43 2.43 5.04
CA PHE A 47 30.24 1.59 4.21
C PHE A 47 30.66 0.39 5.01
N LYS A 48 30.73 -0.77 4.40
CA LYS A 48 31.14 -1.92 5.16
C LYS A 48 31.79 -2.92 4.21
N ILE A 49 32.75 -3.69 4.71
CA ILE A 49 33.45 -4.73 3.94
C ILE A 49 33.13 -6.10 4.46
N ARG A 50 32.91 -7.07 3.58
CA ARG A 50 32.90 -8.45 4.05
C ARG A 50 33.37 -9.33 2.89
N THR A 51 34.31 -10.27 3.17
CA THR A 51 34.74 -11.21 2.14
C THR A 51 34.02 -12.51 2.40
N ILE A 52 33.58 -13.17 1.36
CA ILE A 52 32.90 -14.40 1.56
C ILE A 52 33.47 -15.40 0.65
N GLU A 53 33.14 -16.66 0.82
CA GLU A 53 33.60 -17.59 -0.18
C GLU A 53 32.41 -18.15 -0.88
N LEU A 54 32.53 -18.24 -2.18
CA LEU A 54 31.56 -18.75 -3.15
C LEU A 54 32.22 -19.70 -4.14
N ASP A 55 31.88 -20.99 -4.05
CA ASP A 55 32.50 -22.03 -4.91
C ASP A 55 34.01 -21.99 -4.79
N GLY A 56 34.47 -21.77 -3.57
CA GLY A 56 35.89 -21.78 -3.26
C GLY A 56 36.55 -20.44 -3.30
N LYS A 57 36.26 -19.50 -4.21
CA LYS A 57 37.03 -18.21 -4.27
C LYS A 57 36.78 -17.08 -3.23
N ARG A 58 37.76 -16.21 -2.89
CA ARG A 58 37.54 -15.10 -1.99
C ARG A 58 36.89 -13.96 -2.79
N ILE A 59 35.85 -13.35 -2.20
CA ILE A 59 35.13 -12.26 -2.87
C ILE A 59 34.87 -11.13 -1.89
N LYS A 60 35.49 -10.00 -2.19
CA LYS A 60 35.51 -8.87 -1.26
C LYS A 60 34.32 -8.06 -1.73
N LEU A 61 33.46 -7.75 -0.78
CA LEU A 61 32.25 -7.06 -1.09
C LEU A 61 32.46 -5.74 -0.43
N GLN A 62 32.37 -4.68 -1.23
CA GLN A 62 32.34 -3.34 -0.64
C GLN A 62 30.93 -2.81 -0.72
N ILE A 63 30.35 -2.49 0.42
CA ILE A 63 28.96 -2.19 0.42
C ILE A 63 28.81 -0.76 0.86
N TRP A 64 28.24 0.01 -0.05
CA TRP A 64 27.91 1.39 0.21
C TRP A 64 26.44 1.44 0.52
N ASP A 65 26.11 2.27 1.49
CA ASP A 65 24.75 2.57 1.85
C ASP A 65 24.48 4.07 1.76
N THR A 66 23.60 4.47 0.85
CA THR A 66 23.35 5.79 0.41
C THR A 66 21.98 6.16 0.90
N ALA A 67 21.80 7.44 1.20
CA ALA A 67 20.59 7.92 1.84
C ALA A 67 20.05 9.15 1.18
N GLY A 68 20.36 9.28 -0.09
CA GLY A 68 20.01 10.44 -0.89
C GLY A 68 20.43 11.87 -0.62
N GLN A 69 21.03 12.23 0.51
CA GLN A 69 20.96 13.68 0.75
C GLN A 69 21.63 14.21 -0.49
N GLU A 70 21.00 15.25 -1.04
CA GLU A 70 21.52 16.19 -2.08
C GLU A 70 22.86 16.89 -1.78
N ARG A 71 23.17 16.92 -0.36
CA ARG A 71 24.45 17.47 0.13
C ARG A 71 25.71 16.96 -0.58
N PHE A 72 25.74 15.64 -0.80
CA PHE A 72 26.82 14.94 -1.48
C PHE A 72 26.45 14.36 -2.83
N ARG A 73 25.59 15.08 -3.55
CA ARG A 73 24.98 14.53 -4.77
C ARG A 73 25.94 13.88 -5.74
N THR A 74 27.05 14.55 -5.95
CA THR A 74 28.09 14.11 -6.87
C THR A 74 28.79 12.80 -6.52
N ILE A 75 29.22 12.70 -5.28
CA ILE A 75 29.91 11.55 -4.69
C ILE A 75 29.00 10.34 -4.81
N THR A 76 27.77 10.46 -4.31
CA THR A 76 26.86 9.33 -4.39
C THR A 76 26.54 8.92 -5.86
N THR A 77 26.63 9.81 -6.84
CA THR A 77 26.52 9.32 -8.20
C THR A 77 27.67 8.40 -8.41
N ALA A 78 28.85 8.78 -7.96
CA ALA A 78 30.06 8.01 -8.22
C ALA A 78 29.91 6.56 -7.78
N TYR A 79 29.19 6.39 -6.67
CA TYR A 79 28.83 5.08 -6.17
C TYR A 79 27.81 4.39 -7.09
N TYR A 80 26.74 5.07 -7.46
CA TYR A 80 25.83 4.48 -8.43
C TYR A 80 26.56 3.99 -9.67
N ARG A 81 27.34 4.89 -10.26
CA ARG A 81 27.95 4.69 -11.58
C ARG A 81 28.92 3.53 -11.43
N GLY A 82 29.59 3.45 -10.30
CA GLY A 82 30.55 2.39 -10.13
C GLY A 82 30.10 1.10 -9.45
N ALA A 83 28.80 0.91 -9.30
CA ALA A 83 28.29 -0.16 -8.48
C ALA A 83 28.02 -1.38 -9.32
N MET A 84 28.31 -2.57 -8.78
CA MET A 84 28.12 -3.84 -9.50
C MET A 84 26.79 -4.50 -9.23
N GLY A 85 26.28 -4.31 -8.02
CA GLY A 85 24.98 -4.81 -7.61
C GLY A 85 24.38 -3.82 -6.64
N ILE A 86 23.13 -3.47 -6.88
CA ILE A 86 22.48 -2.54 -6.02
C ILE A 86 21.19 -3.15 -5.47
N MET A 87 20.96 -3.02 -4.16
CA MET A 87 19.75 -3.54 -3.51
C MET A 87 18.72 -2.43 -3.23
N LEU A 88 17.55 -2.55 -3.83
CA LEU A 88 16.44 -1.63 -3.59
C LEU A 88 15.62 -2.18 -2.43
N VAL A 89 15.35 -1.32 -1.47
CA VAL A 89 14.95 -1.76 -0.16
C VAL A 89 13.76 -0.99 0.32
N TYR A 90 12.64 -1.69 0.50
CA TYR A 90 11.47 -1.04 1.10
C TYR A 90 11.11 -1.66 2.42
N ASP A 91 10.19 -1.01 3.11
CA ASP A 91 9.61 -1.55 4.32
C ASP A 91 8.19 -2.09 4.08
N ILE A 92 8.02 -3.30 4.41
CA ILE A 92 6.66 -3.83 4.22
C ILE A 92 5.65 -3.30 5.20
N THR A 93 6.13 -2.65 6.24
CA THR A 93 5.36 -1.80 7.16
C THR A 93 4.87 -0.45 6.59
N ASN A 94 5.27 -0.10 5.36
CA ASN A 94 5.07 1.24 4.88
C ASN A 94 4.80 1.24 3.39
N GLU A 95 3.72 1.73 2.92
CA GLU A 95 3.58 1.64 1.47
C GLU A 95 4.53 2.48 0.64
N LYS A 96 4.45 3.79 0.79
CA LYS A 96 5.13 4.70 -0.15
C LYS A 96 6.54 4.25 -0.46
N SER A 97 7.27 3.76 0.56
CA SER A 97 8.54 3.03 0.38
C SER A 97 8.42 2.05 -0.76
N PHE A 98 7.39 1.23 -0.73
CA PHE A 98 7.13 0.31 -1.81
C PHE A 98 6.73 1.01 -3.11
N ASP A 99 6.04 2.13 -3.01
CA ASP A 99 5.57 2.76 -4.21
C ASP A 99 6.77 3.36 -4.92
N ASN A 100 7.58 4.06 -4.12
CA ASN A 100 8.85 4.63 -4.54
C ASN A 100 9.83 3.64 -5.16
N ILE A 101 9.85 2.39 -4.72
CA ILE A 101 10.74 1.43 -5.31
C ILE A 101 10.81 1.58 -6.81
N ARG A 102 9.74 2.07 -7.43
CA ARG A 102 9.76 2.35 -8.87
C ARG A 102 10.64 3.56 -9.10
N ASN A 103 10.31 4.67 -8.48
CA ASN A 103 11.17 5.85 -8.46
C ASN A 103 12.66 5.57 -8.38
N TRP A 104 13.12 4.85 -7.33
CA TRP A 104 14.51 4.46 -7.27
C TRP A 104 14.91 3.76 -8.54
N ILE A 105 14.14 2.77 -8.97
CA ILE A 105 14.42 2.05 -10.22
C ILE A 105 14.74 3.01 -11.36
N ARG A 106 14.07 4.16 -11.38
CA ARG A 106 14.48 5.27 -12.22
C ARG A 106 15.93 5.56 -11.97
N ASN A 107 16.23 6.07 -10.82
CA ASN A 107 17.58 6.49 -10.55
C ASN A 107 18.53 5.45 -11.03
N ILE A 108 18.26 4.22 -10.66
CA ILE A 108 19.21 3.17 -10.92
C ILE A 108 19.43 3.10 -12.42
N GLU A 109 18.33 3.18 -13.15
CA GLU A 109 18.38 3.16 -14.61
C GLU A 109 19.02 4.42 -15.16
N GLU A 110 18.73 5.55 -14.51
CA GLU A 110 19.20 6.81 -15.02
C GLU A 110 20.65 7.10 -14.54
N HIS A 111 20.93 7.10 -13.23
CA HIS A 111 22.31 7.29 -12.69
C HIS A 111 23.32 6.15 -12.77
N ALA A 112 22.86 4.91 -12.84
CA ALA A 112 23.75 3.77 -12.71
C ALA A 112 24.05 3.12 -14.02
N SER A 113 24.72 1.95 -14.09
CA SER A 113 25.18 1.33 -15.39
C SER A 113 24.22 0.40 -16.21
N ALA A 114 24.52 -0.03 -17.45
CA ALA A 114 23.41 -0.54 -18.26
C ALA A 114 23.16 -2.01 -17.98
N ASP A 115 24.14 -2.68 -17.38
CA ASP A 115 23.99 -4.13 -17.07
C ASP A 115 23.91 -4.43 -15.56
N VAL A 116 23.84 -3.38 -14.73
CA VAL A 116 23.95 -3.60 -13.27
C VAL A 116 23.00 -4.71 -12.81
N GLU A 117 23.42 -5.47 -11.83
CA GLU A 117 22.55 -6.42 -11.19
C GLU A 117 21.76 -5.74 -10.11
N LYS A 118 20.49 -6.09 -10.06
CA LYS A 118 19.47 -5.42 -9.28
C LYS A 118 18.67 -6.41 -8.40
N MET A 119 18.28 -5.98 -7.18
CA MET A 119 17.49 -6.86 -6.26
C MET A 119 16.56 -6.06 -5.31
N ILE A 120 15.25 -6.34 -5.39
CA ILE A 120 14.27 -5.67 -4.52
C ILE A 120 14.21 -6.43 -3.22
N LEU A 121 14.47 -5.70 -2.15
CA LEU A 121 14.57 -6.28 -0.84
C LEU A 121 13.41 -5.74 0.01
N GLY A 122 12.44 -6.62 0.28
CA GLY A 122 11.28 -6.27 1.11
C GLY A 122 11.64 -6.42 2.57
N ASN A 123 11.99 -5.34 3.24
CA ASN A 123 12.48 -5.45 4.60
C ASN A 123 11.50 -5.39 5.74
N LYS A 124 11.96 -5.83 6.89
CA LYS A 124 11.09 -6.00 8.09
C LYS A 124 9.99 -7.10 7.93
N CYS A 125 10.20 -8.08 7.06
CA CYS A 125 9.14 -9.07 6.87
C CYS A 125 8.69 -9.77 8.17
N ASP A 126 9.44 -9.46 9.21
CA ASP A 126 9.40 -10.05 10.54
C ASP A 126 8.22 -9.59 11.30
N VAL A 127 7.82 -8.39 11.00
CA VAL A 127 6.72 -7.80 11.72
C VAL A 127 5.65 -7.95 10.68
N ASN A 128 4.89 -9.01 10.80
CA ASN A 128 3.71 -9.19 10.00
C ASN A 128 2.54 -8.43 10.53
N ASP A 129 2.43 -8.29 11.82
CA ASP A 129 1.27 -7.61 12.30
C ASP A 129 1.19 -6.16 11.92
N LYS A 130 2.26 -5.56 11.39
CA LYS A 130 2.11 -4.18 10.94
C LYS A 130 2.26 -4.13 9.43
N ARG A 131 1.96 -5.25 8.81
CA ARG A 131 2.13 -5.39 7.38
C ARG A 131 1.12 -4.67 6.61
N GLN A 132 1.59 -3.83 5.74
CA GLN A 132 0.80 -3.22 4.70
C GLN A 132 1.09 -3.76 3.28
N VAL A 133 2.28 -4.26 3.00
CA VAL A 133 2.57 -4.73 1.63
C VAL A 133 2.53 -6.23 1.50
N SER A 134 1.60 -6.75 0.70
CA SER A 134 1.57 -8.16 0.52
C SER A 134 2.83 -8.57 -0.17
N LYS A 135 3.30 -9.77 0.13
CA LYS A 135 4.46 -10.32 -0.54
C LYS A 135 4.11 -10.59 -1.96
N GLU A 136 2.96 -11.18 -2.17
CA GLU A 136 2.53 -11.54 -3.51
C GLU A 136 2.67 -10.34 -4.42
N ARG A 137 2.21 -9.22 -3.92
CA ARG A 137 2.28 -7.96 -4.62
C ARG A 137 3.69 -7.49 -4.73
N GLY A 138 4.52 -7.91 -3.78
CA GLY A 138 5.94 -7.67 -3.84
C GLY A 138 6.60 -8.39 -4.98
N GLU A 139 6.35 -9.69 -5.10
CA GLU A 139 6.98 -10.47 -6.16
C GLU A 139 6.61 -9.91 -7.54
N LYS A 140 5.35 -9.51 -7.72
CA LYS A 140 4.87 -8.97 -9.00
C LYS A 140 5.60 -7.72 -9.48
N LEU A 141 5.88 -6.82 -8.56
CA LEU A 141 6.74 -5.70 -8.86
C LEU A 141 8.00 -6.25 -9.45
N ALA A 142 8.69 -7.10 -8.71
CA ALA A 142 9.96 -7.65 -9.16
C ALA A 142 9.83 -8.27 -10.55
N LEU A 143 8.91 -9.22 -10.70
CA LEU A 143 8.77 -9.90 -11.98
C LEU A 143 8.47 -8.95 -13.10
N ASP A 144 7.60 -7.99 -12.87
CA ASP A 144 7.38 -6.98 -13.88
C ASP A 144 8.74 -6.51 -14.37
N TYR A 145 9.54 -5.91 -13.50
CA TYR A 145 10.86 -5.37 -13.88
C TYR A 145 11.97 -6.43 -14.14
N GLY A 146 11.61 -7.71 -14.13
CA GLY A 146 12.56 -8.78 -14.39
C GLY A 146 13.72 -8.81 -13.42
N ILE A 147 13.47 -8.48 -12.15
CA ILE A 147 14.51 -8.49 -11.14
C ILE A 147 14.12 -9.39 -9.94
N LYS A 148 15.12 -9.84 -9.19
CA LYS A 148 14.93 -10.76 -8.08
C LYS A 148 14.36 -10.01 -6.93
N PHE A 149 13.59 -10.69 -6.09
CA PHE A 149 12.95 -10.02 -4.95
C PHE A 149 13.15 -10.88 -3.73
N MET A 150 13.23 -10.23 -2.58
CA MET A 150 13.45 -11.00 -1.40
C MET A 150 13.02 -10.30 -0.11
N GLU A 151 12.32 -11.03 0.74
CA GLU A 151 11.77 -10.48 1.95
C GLU A 151 12.67 -10.87 3.05
N THR A 152 12.86 -9.96 3.98
CA THR A 152 14.00 -9.91 4.84
C THR A 152 13.62 -9.41 6.20
N SER A 153 14.52 -9.47 7.16
CA SER A 153 14.33 -8.88 8.48
C SER A 153 15.66 -8.49 9.11
N ALA A 154 16.04 -7.24 9.24
CA ALA A 154 17.40 -7.03 9.72
C ALA A 154 17.52 -7.52 11.13
N LYS A 155 16.38 -7.53 11.80
CA LYS A 155 16.26 -7.83 13.22
C LYS A 155 16.02 -9.27 13.65
N ALA A 156 15.19 -9.98 12.92
CA ALA A 156 15.04 -11.38 13.09
C ALA A 156 16.16 -12.07 12.38
N ASN A 157 16.95 -11.31 11.68
CA ASN A 157 18.01 -11.92 10.94
C ASN A 157 17.68 -12.89 9.86
N ILE A 158 16.63 -12.56 9.13
CA ILE A 158 16.05 -13.36 8.03
C ILE A 158 16.43 -13.02 6.58
N ASN A 159 17.15 -13.91 5.92
CA ASN A 159 17.43 -13.76 4.49
C ASN A 159 18.42 -12.63 4.10
N VAL A 160 19.01 -11.96 5.08
CA VAL A 160 19.98 -10.91 4.82
C VAL A 160 21.26 -11.50 4.23
N GLU A 161 21.80 -12.52 4.90
CA GLU A 161 23.00 -13.19 4.43
C GLU A 161 22.73 -13.87 3.10
N ASN A 162 21.53 -14.41 2.93
CA ASN A 162 21.13 -15.05 1.69
C ASN A 162 20.93 -14.03 0.57
N ALA A 163 20.32 -12.90 0.91
CA ALA A 163 20.10 -11.83 -0.06
C ALA A 163 21.40 -11.41 -0.70
N PHE A 164 22.43 -11.20 0.13
CA PHE A 164 23.73 -10.84 -0.36
C PHE A 164 24.39 -11.95 -1.14
N PHE A 165 24.52 -13.13 -0.53
CA PHE A 165 25.15 -14.22 -1.23
C PHE A 165 24.47 -14.48 -2.58
N THR A 166 23.17 -14.21 -2.65
CA THR A 166 22.43 -14.44 -3.88
C THR A 166 22.84 -13.40 -4.90
N LEU A 167 22.86 -12.14 -4.48
CA LEU A 167 23.30 -11.07 -5.35
C LEU A 167 24.75 -11.26 -5.77
N ALA A 168 25.60 -11.74 -4.85
CA ALA A 168 27.01 -11.97 -5.16
C ALA A 168 27.13 -13.09 -6.15
N ARG A 169 26.30 -14.12 -6.05
CA ARG A 169 26.37 -15.18 -7.05
C ARG A 169 25.98 -14.61 -8.38
N ASP A 170 24.96 -13.76 -8.39
CA ASP A 170 24.47 -13.20 -9.64
C ASP A 170 25.52 -12.32 -10.33
N ILE A 171 26.31 -11.61 -9.54
CA ILE A 171 27.37 -10.77 -10.09
C ILE A 171 28.44 -11.66 -10.68
N LYS A 172 28.89 -12.65 -9.93
CA LYS A 172 29.97 -13.50 -10.37
C LYS A 172 29.55 -14.29 -11.59
N ALA A 173 28.39 -14.90 -11.57
CA ALA A 173 28.00 -15.73 -12.73
C ALA A 173 28.05 -14.92 -14.00
N LYS A 174 27.66 -13.66 -13.92
CA LYS A 174 27.73 -12.74 -15.05
C LYS A 174 29.18 -12.53 -15.51
N MET A 175 30.09 -12.31 -14.56
CA MET A 175 31.49 -12.04 -14.90
C MET A 175 32.20 -13.28 -15.38
N ASP A 176 31.90 -14.42 -14.80
CA ASP A 176 32.53 -15.64 -15.28
C ASP A 176 32.13 -15.92 -16.72
N LYS A 177 31.00 -15.36 -17.15
CA LYS A 177 30.51 -15.51 -18.52
C LYS A 177 31.46 -14.84 -19.50
N LYS A 178 31.92 -13.63 -19.17
CA LYS A 178 33.07 -13.00 -19.86
C LYS A 178 34.40 -13.61 -19.32
N LEU A 179 34.46 -14.95 -19.42
CA LEU A 179 35.56 -15.81 -18.90
C LEU A 179 36.89 -15.11 -18.60
N LYS B 5 -48.50 11.45 0.21
CA LYS B 5 -47.82 12.66 -0.33
C LYS B 5 -46.30 12.45 -0.46
N THR B 6 -45.56 13.57 -0.45
CA THR B 6 -44.08 13.60 -0.54
C THR B 6 -43.38 12.56 0.36
N TYR B 7 -42.32 11.88 -0.11
CA TYR B 7 -41.45 12.16 -1.32
C TYR B 7 -41.97 12.11 -2.76
N ASP B 8 -41.11 12.56 -3.69
CA ASP B 8 -41.34 12.32 -5.14
C ASP B 8 -40.18 11.61 -5.90
N TYR B 9 -39.17 11.11 -5.17
CA TYR B 9 -38.21 10.09 -5.68
C TYR B 9 -37.76 9.12 -4.57
N LEU B 10 -37.40 7.87 -4.92
CA LEU B 10 -36.88 6.90 -3.92
C LEU B 10 -35.73 5.96 -4.37
N PHE B 11 -34.49 6.46 -4.35
CA PHE B 11 -33.35 5.65 -4.76
C PHE B 11 -32.88 4.74 -3.64
N LYS B 12 -32.52 3.51 -4.01
CA LYS B 12 -31.96 2.52 -3.10
C LYS B 12 -30.42 2.47 -3.19
N LEU B 13 -29.74 2.59 -2.07
CA LEU B 13 -28.29 2.69 -2.06
C LEU B 13 -27.66 1.57 -1.24
N LEU B 14 -26.45 1.19 -1.58
CA LEU B 14 -25.75 0.12 -0.85
C LEU B 14 -24.31 0.48 -0.50
N LEU B 15 -23.97 0.30 0.79
CA LEU B 15 -22.60 0.31 1.26
C LEU B 15 -22.07 -1.12 1.38
N ILE B 16 -20.85 -1.32 0.90
CA ILE B 16 -20.27 -2.61 0.66
C ILE B 16 -18.75 -2.35 0.81
N GLY B 17 -18.07 -3.22 1.56
CA GLY B 17 -16.71 -2.93 2.02
C GLY B 17 -16.16 -3.90 3.07
N ASP B 18 -14.83 -3.96 3.13
CA ASP B 18 -14.17 -4.66 4.19
C ASP B 18 -14.60 -4.07 5.49
N SER B 19 -14.49 -4.91 6.50
CA SER B 19 -14.91 -4.50 7.79
C SER B 19 -13.85 -3.64 8.28
N GLY B 20 -14.18 -2.75 9.18
CA GLY B 20 -13.17 -1.90 9.77
C GLY B 20 -13.14 -0.64 8.99
N VAL B 21 -13.49 -0.74 7.73
CA VAL B 21 -13.42 0.39 6.86
C VAL B 21 -14.15 1.61 7.33
N GLY B 22 -15.24 1.44 8.05
CA GLY B 22 -16.02 2.58 8.52
C GLY B 22 -17.15 2.92 7.55
N LYS B 23 -17.69 1.90 6.87
CA LYS B 23 -18.90 2.06 6.13
C LYS B 23 -19.93 2.69 7.09
N THR B 24 -20.18 1.99 8.20
CA THR B 24 -21.29 2.35 9.02
C THR B 24 -21.19 3.78 9.50
N CYS B 25 -20.04 4.28 9.93
CA CYS B 25 -19.99 5.65 10.40
C CYS B 25 -20.20 6.73 9.33
N VAL B 26 -19.89 6.41 8.09
CA VAL B 26 -20.15 7.28 7.00
C VAL B 26 -21.62 7.32 7.02
N LEU B 27 -22.23 6.15 7.11
CA LEU B 27 -23.66 6.07 7.01
C LEU B 27 -24.39 6.74 8.17
N PHE B 28 -23.84 6.62 9.37
CA PHE B 28 -24.43 7.22 10.56
C PHE B 28 -24.28 8.74 10.53
N ARG B 29 -23.29 9.22 9.79
CA ARG B 29 -23.03 10.65 9.69
C ARG B 29 -23.96 11.30 8.66
N PHE B 30 -24.27 10.54 7.61
CA PHE B 30 -25.17 11.04 6.55
C PHE B 30 -26.62 11.07 7.04
N SER B 31 -27.05 9.98 7.66
CA SER B 31 -28.39 9.89 8.17
C SER B 31 -28.59 10.76 9.40
N GLU B 32 -27.53 11.27 9.99
CA GLU B 32 -27.65 12.26 11.05
C GLU B 32 -28.07 11.75 12.43
N ASP B 33 -27.73 10.52 12.76
CA ASP B 33 -28.13 9.89 14.02
C ASP B 33 -27.33 10.57 15.11
N ALA B 34 -27.91 10.65 16.29
CA ALA B 34 -27.24 11.24 17.48
C ALA B 34 -26.40 10.20 18.22
N PHE B 35 -26.48 8.97 17.73
CA PHE B 35 -26.05 7.81 18.46
C PHE B 35 -25.32 6.78 17.58
N ASN B 36 -24.77 5.83 18.32
CA ASN B 36 -23.75 4.90 17.89
C ASN B 36 -24.35 3.53 17.65
N SER B 37 -25.55 3.30 18.16
CA SER B 37 -26.03 1.95 18.30
C SER B 37 -26.30 1.38 16.93
N THR B 38 -25.80 0.18 16.66
CA THR B 38 -25.70 -0.32 15.28
C THR B 38 -25.81 -1.84 15.27
N PHE B 39 -26.09 -2.42 14.11
CA PHE B 39 -26.29 -3.86 14.00
C PHE B 39 -25.34 -4.40 13.00
N ILE B 40 -24.31 -3.64 12.66
CA ILE B 40 -23.33 -4.08 11.67
C ILE B 40 -22.35 -5.07 12.26
N SER B 41 -22.10 -4.97 13.56
CA SER B 41 -21.14 -5.86 14.24
C SER B 41 -21.77 -7.22 14.56
N THR B 42 -22.95 -7.18 15.18
CA THR B 42 -23.67 -8.39 15.64
C THR B 42 -24.43 -9.04 14.52
N ILE B 43 -25.23 -8.29 13.78
CA ILE B 43 -25.98 -8.91 12.72
C ILE B 43 -25.29 -8.89 11.35
N GLY B 44 -24.41 -7.90 11.12
CA GLY B 44 -23.77 -7.77 9.82
C GLY B 44 -24.58 -7.10 8.72
N ILE B 45 -25.79 -6.66 9.02
CA ILE B 45 -26.53 -5.79 8.12
C ILE B 45 -27.04 -4.62 8.93
N ASP B 46 -27.15 -3.46 8.28
CA ASP B 46 -27.77 -2.33 8.92
C ASP B 46 -28.34 -1.43 7.88
N PHE B 47 -29.19 -0.51 8.34
CA PHE B 47 -30.11 0.19 7.46
C PHE B 47 -30.46 1.55 7.97
N LYS B 48 -30.48 2.52 7.08
CA LYS B 48 -30.82 3.86 7.50
C LYS B 48 -31.54 4.58 6.33
N ILE B 49 -32.52 5.46 6.61
CA ILE B 49 -33.18 6.23 5.52
C ILE B 49 -32.85 7.69 5.61
N ARG B 50 -32.67 8.37 4.50
CA ARG B 50 -32.67 9.82 4.60
C ARG B 50 -33.26 10.43 3.36
N THR B 51 -33.93 11.56 3.54
CA THR B 51 -34.52 12.29 2.44
C THR B 51 -33.80 13.61 2.21
N ILE B 52 -33.68 14.00 0.97
CA ILE B 52 -33.03 15.25 0.71
C ILE B 52 -33.57 15.93 -0.53
N GLU B 53 -33.29 17.22 -0.67
CA GLU B 53 -33.75 17.97 -1.85
C GLU B 53 -32.63 18.22 -2.91
N LEU B 54 -32.95 17.86 -4.15
CA LEU B 54 -32.08 18.04 -5.31
C LEU B 54 -32.83 18.69 -6.46
N ASP B 55 -32.47 19.95 -6.79
CA ASP B 55 -33.15 20.73 -7.83
C ASP B 55 -34.64 20.78 -7.56
N GLY B 56 -34.98 20.94 -6.28
CA GLY B 56 -36.36 21.10 -5.86
C GLY B 56 -37.05 19.82 -5.45
N LYS B 57 -36.73 18.73 -6.14
CA LYS B 57 -37.37 17.45 -5.86
C LYS B 57 -36.92 16.81 -4.53
N ARG B 58 -37.88 16.39 -3.72
CA ARG B 58 -37.65 15.57 -2.53
C ARG B 58 -37.45 14.11 -2.94
N ILE B 59 -36.39 13.52 -2.37
CA ILE B 59 -35.83 12.26 -2.82
C ILE B 59 -35.43 11.44 -1.58
N LYS B 60 -36.12 10.31 -1.35
CA LYS B 60 -35.88 9.41 -0.22
C LYS B 60 -34.83 8.39 -0.61
N LEU B 61 -33.81 8.31 0.23
CA LEU B 61 -32.74 7.35 0.09
C LEU B 61 -32.94 6.24 1.12
N GLN B 62 -32.97 5.01 0.64
CA GLN B 62 -32.91 3.89 1.51
C GLN B 62 -31.54 3.24 1.37
N ILE B 63 -30.81 3.19 2.47
CA ILE B 63 -29.41 2.83 2.45
C ILE B 63 -29.18 1.56 3.25
N TRP B 64 -28.58 0.55 2.62
CA TRP B 64 -28.31 -0.74 3.26
C TRP B 64 -26.82 -0.88 3.50
N ASP B 65 -26.42 -1.32 4.68
CA ASP B 65 -25.02 -1.43 5.02
C ASP B 65 -24.74 -2.89 5.24
N THR B 66 -24.03 -3.46 4.29
CA THR B 66 -23.85 -4.87 4.22
C THR B 66 -22.45 -5.14 4.65
N ALA B 67 -22.27 -6.30 5.31
CA ALA B 67 -21.00 -6.62 5.94
C ALA B 67 -20.55 -8.00 5.59
N GLY B 68 -20.99 -8.50 4.46
CA GLY B 68 -20.74 -9.84 3.99
C GLY B 68 -21.15 -11.12 4.69
N GLN B 69 -21.62 -11.14 5.91
CA GLN B 69 -21.55 -12.47 6.56
C GLN B 69 -22.35 -13.29 5.59
N GLU B 70 -21.78 -14.47 5.30
CA GLU B 70 -22.43 -15.63 4.62
C GLU B 70 -23.74 -16.17 5.25
N ARG B 71 -23.90 -15.80 6.63
CA ARG B 71 -25.13 -16.12 7.38
C ARG B 71 -26.45 -15.78 6.68
N PHE B 72 -26.48 -14.58 6.10
CA PHE B 72 -27.62 -14.05 5.36
C PHE B 72 -27.38 -13.90 3.87
N ARG B 73 -26.62 -14.82 3.30
CA ARG B 73 -26.14 -14.66 1.92
C ARG B 73 -27.18 -14.26 0.91
N THR B 74 -28.31 -14.92 1.00
CA THR B 74 -29.44 -14.71 0.10
C THR B 74 -30.08 -13.34 0.13
N ILE B 75 -30.38 -12.87 1.32
CA ILE B 75 -31.00 -11.58 1.62
C ILE B 75 -30.08 -10.48 1.09
N THR B 76 -28.81 -10.51 1.48
CA THR B 76 -27.90 -9.49 1.00
C THR B 76 -27.73 -9.52 -0.54
N THR B 77 -27.57 -10.78 -1.11
CA THR B 77 -27.60 -10.77 -2.58
C THR B 77 -28.74 -9.92 -3.09
N ALA B 78 -29.90 -10.13 -2.48
CA ALA B 78 -31.08 -9.43 -2.92
C ALA B 78 -30.93 -7.92 -2.75
N TYR B 79 -30.18 -7.47 -1.73
CA TYR B 79 -29.90 -6.03 -1.60
C TYR B 79 -29.00 -5.58 -2.74
N TYR B 80 -28.11 -6.48 -3.17
CA TYR B 80 -27.25 -6.17 -4.29
C TYR B 80 -28.17 -6.01 -5.47
N ARG B 81 -28.84 -7.12 -5.82
CA ARG B 81 -29.66 -7.17 -7.02
C ARG B 81 -30.54 -5.93 -7.23
N GLY B 82 -31.04 -5.34 -6.15
CA GLY B 82 -31.94 -4.19 -6.24
C GLY B 82 -31.43 -2.82 -5.83
N ALA B 83 -30.13 -2.57 -5.88
CA ALA B 83 -29.61 -1.22 -5.60
C ALA B 83 -29.46 -0.33 -6.86
N MET B 84 -29.75 0.94 -6.69
CA MET B 84 -29.56 1.92 -7.75
C MET B 84 -28.06 2.13 -7.73
N GLY B 85 -27.49 2.44 -6.57
CA GLY B 85 -26.11 2.93 -6.57
C GLY B 85 -25.39 2.45 -5.33
N ILE B 86 -24.38 1.62 -5.54
CA ILE B 86 -23.59 1.05 -4.44
C ILE B 86 -22.24 1.81 -4.27
N MET B 87 -21.85 2.12 -3.03
CA MET B 87 -20.53 2.76 -2.73
C MET B 87 -19.59 1.70 -2.20
N LEU B 88 -18.42 1.53 -2.82
CA LEU B 88 -17.43 0.56 -2.39
C LEU B 88 -16.52 1.29 -1.46
N VAL B 89 -16.42 0.86 -0.22
CA VAL B 89 -15.72 1.68 0.77
C VAL B 89 -14.43 1.04 1.27
N TYR B 90 -13.34 1.83 1.29
CA TYR B 90 -12.11 1.38 1.91
C TYR B 90 -11.53 2.40 2.86
N ASP B 91 -10.54 1.95 3.62
CA ASP B 91 -9.83 2.79 4.56
C ASP B 91 -8.42 3.09 4.09
N ILE B 92 -8.08 4.36 3.96
CA ILE B 92 -6.75 4.75 3.49
C ILE B 92 -5.64 4.47 4.47
N THR B 93 -6.02 4.15 5.70
CA THR B 93 -5.17 3.58 6.73
C THR B 93 -4.75 2.09 6.54
N ASN B 94 -5.29 1.44 5.51
CA ASN B 94 -5.17 0.02 5.41
C ASN B 94 -5.05 -0.44 3.96
N GLU B 95 -3.95 -1.07 3.60
CA GLU B 95 -3.78 -1.46 2.21
C GLU B 95 -4.72 -2.54 1.79
N LYS B 96 -4.89 -3.60 2.58
CA LYS B 96 -5.73 -4.68 2.03
C LYS B 96 -7.16 -4.22 1.87
N SER B 97 -7.57 -3.31 2.73
CA SER B 97 -8.88 -2.77 2.59
C SER B 97 -8.92 -2.20 1.18
N PHE B 98 -7.85 -1.57 0.74
CA PHE B 98 -7.77 -1.03 -0.61
C PHE B 98 -7.51 -2.06 -1.67
N ASP B 99 -6.70 -3.05 -1.36
CA ASP B 99 -6.38 -4.02 -2.34
C ASP B 99 -7.67 -4.70 -2.70
N ASN B 100 -8.53 -4.92 -1.71
CA ASN B 100 -9.74 -5.70 -1.93
C ASN B 100 -10.84 -5.01 -2.68
N ILE B 101 -10.79 -3.68 -2.75
CA ILE B 101 -11.76 -2.97 -3.53
C ILE B 101 -12.04 -3.78 -4.79
N ARG B 102 -11.02 -4.28 -5.45
CA ARG B 102 -11.24 -5.09 -6.64
C ARG B 102 -12.10 -6.29 -6.42
N ASN B 103 -11.88 -7.00 -5.32
CA ASN B 103 -12.73 -8.14 -4.99
C ASN B 103 -14.21 -7.79 -4.82
N TRP B 104 -14.50 -6.57 -4.41
CA TRP B 104 -15.87 -6.11 -4.32
C TRP B 104 -16.41 -5.79 -5.70
N ILE B 105 -15.67 -4.99 -6.46
CA ILE B 105 -16.07 -4.64 -7.83
C ILE B 105 -16.52 -5.88 -8.62
N ARG B 106 -15.87 -7.01 -8.37
CA ARG B 106 -16.38 -8.29 -8.81
C ARG B 106 -17.79 -8.44 -8.37
N ASN B 107 -17.99 -8.59 -7.08
CA ASN B 107 -19.30 -8.86 -6.58
C ASN B 107 -20.28 -7.95 -7.24
N ILE B 108 -19.95 -6.69 -7.25
CA ILE B 108 -20.92 -5.71 -7.71
C ILE B 108 -21.30 -6.06 -9.14
N GLU B 109 -20.28 -6.40 -9.93
CA GLU B 109 -20.48 -6.77 -11.32
C GLU B 109 -21.19 -8.12 -11.42
N GLU B 110 -20.88 -8.94 -10.43
CA GLU B 110 -21.34 -10.29 -10.28
C GLU B 110 -22.73 -10.56 -9.78
N HIS B 111 -22.94 -9.95 -8.69
CA HIS B 111 -24.22 -10.03 -7.95
C HIS B 111 -25.23 -8.91 -8.25
N ALA B 112 -24.77 -7.77 -8.71
CA ALA B 112 -25.61 -6.60 -8.82
C ALA B 112 -26.05 -6.33 -10.23
N SER B 113 -26.71 -5.20 -10.55
CA SER B 113 -27.30 -4.96 -11.92
C SER B 113 -26.41 -4.33 -13.07
N ALA B 114 -26.83 -4.25 -14.35
CA ALA B 114 -25.82 -4.04 -15.37
C ALA B 114 -25.52 -2.56 -15.55
N ASP B 115 -26.42 -1.70 -15.06
CA ASP B 115 -26.22 -0.25 -15.19
C ASP B 115 -25.98 0.47 -13.84
N VAL B 116 -25.84 -0.30 -12.77
CA VAL B 116 -25.79 0.32 -11.42
C VAL B 116 -24.78 1.47 -11.40
N GLU B 117 -25.10 2.50 -10.64
CA GLU B 117 -24.14 3.55 -10.36
C GLU B 117 -23.26 3.17 -9.23
N LYS B 118 -21.89 3.26 -9.63
CA LYS B 118 -20.91 2.84 -8.61
C LYS B 118 -20.13 4.05 -8.15
N MET B 119 -19.59 4.01 -6.94
CA MET B 119 -18.72 5.10 -6.49
C MET B 119 -17.64 4.54 -5.53
N ILE B 120 -16.41 5.04 -5.57
CA ILE B 120 -15.42 4.55 -4.61
C ILE B 120 -15.11 5.54 -3.48
N LEU B 121 -15.09 5.05 -2.24
CA LEU B 121 -14.91 5.91 -1.08
C LEU B 121 -13.67 5.59 -0.22
N GLY B 122 -12.62 6.40 -0.35
CA GLY B 122 -11.47 6.35 0.53
C GLY B 122 -11.84 6.99 1.85
N ASN B 123 -12.17 6.17 2.82
CA ASN B 123 -12.63 6.73 4.09
C ASN B 123 -11.45 6.92 5.00
N LYS B 124 -11.65 7.67 6.07
CA LYS B 124 -10.57 8.11 7.01
C LYS B 124 -9.52 9.16 6.48
N CYS B 125 -9.84 9.92 5.43
CA CYS B 125 -8.90 10.97 4.96
C CYS B 125 -8.46 11.77 6.17
N ASP B 126 -9.35 11.89 7.11
CA ASP B 126 -9.08 12.69 8.29
C ASP B 126 -7.84 12.25 9.00
N VAL B 127 -7.49 10.99 8.87
CA VAL B 127 -6.41 10.44 9.72
C VAL B 127 -5.32 10.39 8.63
N ASN B 128 -4.54 11.45 8.54
CA ASN B 128 -3.47 11.51 7.53
C ASN B 128 -2.09 10.97 7.89
N ASP B 129 -1.81 10.91 9.19
CA ASP B 129 -0.55 10.41 9.69
C ASP B 129 -0.47 8.87 9.71
N LYS B 130 -1.55 8.17 9.39
CA LYS B 130 -1.47 6.72 9.35
C LYS B 130 -1.79 6.25 7.94
N ARG B 131 -1.59 7.16 7.01
CA ARG B 131 -2.01 6.97 5.65
C ARG B 131 -1.22 5.86 5.04
N GLN B 132 -1.85 5.12 4.15
CA GLN B 132 -1.15 4.17 3.32
C GLN B 132 -1.60 4.20 1.87
N VAL B 133 -2.86 4.57 1.61
CA VAL B 133 -3.32 4.63 0.24
C VAL B 133 -3.28 6.11 -0.14
N SER B 134 -2.66 6.39 -1.27
CA SER B 134 -2.41 7.75 -1.69
C SER B 134 -3.59 8.10 -2.51
N LYS B 135 -4.12 9.30 -2.35
CA LYS B 135 -5.29 9.70 -3.10
C LYS B 135 -5.15 9.39 -4.60
N GLU B 136 -4.01 9.67 -5.22
CA GLU B 136 -3.95 9.50 -6.68
C GLU B 136 -4.20 8.06 -7.06
N ARG B 137 -3.83 7.18 -6.14
CA ARG B 137 -3.82 5.78 -6.40
C ARG B 137 -5.21 5.24 -6.31
N GLY B 138 -5.99 5.77 -5.37
CA GLY B 138 -7.41 5.52 -5.31
C GLY B 138 -8.02 6.03 -6.60
N GLU B 139 -7.73 7.29 -6.91
CA GLU B 139 -8.18 7.95 -8.15
C GLU B 139 -7.91 7.18 -9.45
N LYS B 140 -6.72 6.63 -9.57
CA LYS B 140 -6.40 5.81 -10.73
C LYS B 140 -7.34 4.59 -10.71
N LEU B 141 -7.41 3.89 -9.58
CA LEU B 141 -8.27 2.73 -9.48
C LEU B 141 -9.64 3.11 -9.98
N ALA B 142 -10.12 4.24 -9.50
CA ALA B 142 -11.44 4.69 -9.82
C ALA B 142 -11.52 4.81 -11.32
N LEU B 143 -10.75 5.72 -11.91
CA LEU B 143 -10.76 5.93 -13.37
C LEU B 143 -10.54 4.64 -14.17
N ASP B 144 -9.84 3.69 -13.58
CA ASP B 144 -9.67 2.40 -14.22
C ASP B 144 -10.97 1.70 -14.51
N TYR B 145 -11.97 1.92 -13.66
CA TYR B 145 -13.30 1.32 -13.83
C TYR B 145 -14.36 2.30 -14.29
N GLY B 146 -13.97 3.55 -14.36
CA GLY B 146 -14.85 4.61 -14.84
C GLY B 146 -15.89 4.94 -13.79
N ILE B 147 -15.43 5.17 -12.57
CA ILE B 147 -16.41 5.27 -11.52
C ILE B 147 -15.92 6.29 -10.57
N LYS B 148 -16.84 7.07 -10.10
CA LYS B 148 -16.44 8.23 -9.36
C LYS B 148 -15.68 7.85 -8.10
N PHE B 149 -14.93 8.81 -7.58
CA PHE B 149 -14.23 8.59 -6.34
C PHE B 149 -14.22 9.87 -5.50
N MET B 150 -14.19 9.70 -4.19
CA MET B 150 -13.84 10.75 -3.26
C MET B 150 -13.13 10.15 -2.07
N GLU B 151 -12.56 11.02 -1.26
CA GLU B 151 -12.02 10.58 0.01
C GLU B 151 -12.90 11.21 1.00
N THR B 152 -12.86 10.70 2.23
CA THR B 152 -14.03 10.78 3.05
C THR B 152 -13.71 10.52 4.47
N SER B 153 -14.22 11.30 5.49
CA SER B 153 -13.89 11.09 6.90
C SER B 153 -15.15 10.94 7.74
N ALA B 154 -15.53 9.80 8.25
CA ALA B 154 -16.85 9.79 8.90
C ALA B 154 -16.81 10.66 10.12
N LYS B 155 -15.60 10.82 10.65
CA LYS B 155 -15.33 11.50 11.91
C LYS B 155 -15.03 12.99 11.89
N ALA B 156 -14.27 13.43 10.91
CA ALA B 156 -14.08 14.82 10.66
C ALA B 156 -15.26 15.33 9.90
N ASN B 157 -16.14 14.43 9.51
CA ASN B 157 -17.26 14.84 8.74
C ASN B 157 -17.02 15.45 7.40
N ILE B 158 -16.07 14.90 6.70
CA ILE B 158 -15.60 15.34 5.37
C ILE B 158 -16.13 14.62 4.11
N ASN B 159 -16.91 15.32 3.31
CA ASN B 159 -17.33 14.79 2.02
C ASN B 159 -18.37 13.64 2.05
N VAL B 160 -18.87 13.30 3.23
CA VAL B 160 -19.87 12.24 3.37
C VAL B 160 -21.20 12.70 2.77
N GLU B 161 -21.65 13.88 3.18
CA GLU B 161 -22.88 14.45 2.65
C GLU B 161 -22.76 14.71 1.16
N ASN B 162 -21.57 15.13 0.74
CA ASN B 162 -21.29 15.38 -0.67
C ASN B 162 -21.23 14.09 -1.46
N ALA B 163 -20.58 13.12 -1.01
CA ALA B 163 -20.44 11.81 -1.67
C ALA B 163 -21.80 11.22 -2.04
N PHE B 164 -22.76 11.39 -1.14
CA PHE B 164 -24.10 10.84 -1.35
C PHE B 164 -24.92 11.65 -2.35
N PHE B 165 -24.86 12.96 -2.19
CA PHE B 165 -25.61 13.78 -3.06
C PHE B 165 -25.10 13.52 -4.44
N THR B 166 -23.80 13.55 -4.59
CA THR B 166 -23.15 13.27 -5.84
C THR B 166 -23.65 11.97 -6.39
N LEU B 167 -23.62 10.93 -5.59
CA LEU B 167 -24.17 9.68 -6.07
C LEU B 167 -25.66 9.82 -6.38
N ALA B 168 -26.39 10.57 -5.55
CA ALA B 168 -27.82 10.76 -5.78
C ALA B 168 -28.04 11.57 -7.03
N ARG B 169 -27.19 12.54 -7.30
CA ARG B 169 -27.35 13.29 -8.54
C ARG B 169 -27.11 12.35 -9.69
N ASP B 170 -26.11 11.49 -9.56
CA ASP B 170 -25.77 10.59 -10.65
C ASP B 170 -26.89 9.59 -10.95
N ILE B 171 -27.61 9.17 -9.92
CA ILE B 171 -28.74 8.25 -10.10
C ILE B 171 -29.85 8.98 -10.81
N LYS B 172 -30.20 10.16 -10.32
CA LYS B 172 -31.30 10.90 -10.89
C LYS B 172 -31.01 11.30 -12.30
N ALA B 173 -29.83 11.85 -12.58
CA ALA B 173 -29.56 12.30 -13.96
C ALA B 173 -29.77 11.16 -14.95
N LYS B 174 -29.53 9.95 -14.48
CA LYS B 174 -29.86 8.79 -15.26
C LYS B 174 -31.33 8.78 -15.53
N MET B 175 -32.12 8.90 -14.47
CA MET B 175 -33.56 8.65 -14.56
C MET B 175 -34.32 9.66 -15.41
N ASP B 176 -33.93 10.92 -15.32
CA ASP B 176 -34.56 11.96 -16.10
C ASP B 176 -34.23 11.82 -17.59
N LYS B 177 -33.15 11.13 -17.91
CA LYS B 177 -32.73 10.93 -19.29
C LYS B 177 -33.72 10.03 -20.04
N LYS B 178 -34.42 9.19 -19.29
CA LYS B 178 -35.40 8.28 -19.88
C LYS B 178 -36.81 8.80 -19.67
N LEU B 179 -36.94 10.08 -19.40
CA LEU B 179 -38.24 10.70 -19.19
C LEU B 179 -39.30 9.66 -18.83
N GLY C 3 -24.59 -40.29 -41.15
CA GLY C 3 -25.46 -39.84 -40.08
C GLY C 3 -25.64 -38.34 -40.08
N TYR C 4 -26.39 -37.84 -41.07
CA TYR C 4 -26.65 -36.41 -41.18
C TYR C 4 -28.14 -36.13 -41.20
N GLU C 5 -28.94 -37.17 -41.38
CA GLU C 5 -30.39 -37.02 -41.43
C GLU C 5 -30.94 -36.58 -40.08
N ARG C 6 -30.53 -37.28 -39.03
CA ARG C 6 -30.99 -36.95 -37.67
C ARG C 6 -30.35 -35.66 -37.17
N LEU C 7 -29.04 -35.52 -37.42
CA LEU C 7 -28.32 -34.33 -37.00
C LEU C 7 -29.11 -33.05 -37.31
N LYS C 8 -29.61 -32.97 -38.53
CA LYS C 8 -30.39 -31.81 -38.97
C LYS C 8 -31.70 -31.66 -38.17
N GLU C 9 -32.29 -32.80 -37.78
CA GLU C 9 -33.56 -32.83 -37.01
C GLU C 9 -33.42 -32.46 -35.51
N GLU C 10 -32.32 -32.89 -34.88
CA GLU C 10 -32.09 -32.61 -33.45
C GLU C 10 -31.88 -31.13 -33.20
N LEU C 11 -31.06 -30.49 -34.03
CA LEU C 11 -30.79 -29.06 -33.89
C LEU C 11 -32.08 -28.25 -33.92
N ALA C 12 -32.94 -28.55 -34.88
CA ALA C 12 -34.22 -27.86 -35.02
C ALA C 12 -35.17 -28.24 -33.88
N LYS C 13 -35.21 -29.54 -33.56
CA LYS C 13 -36.06 -30.03 -32.49
C LYS C 13 -35.48 -29.70 -31.13
N ALA C 14 -34.16 -29.87 -31.00
CA ALA C 14 -33.48 -29.58 -29.76
C ALA C 14 -33.59 -28.10 -29.38
N GLN C 15 -33.51 -27.24 -30.40
CA GLN C 15 -33.62 -25.81 -30.18
C GLN C 15 -34.95 -25.45 -29.54
N ARG C 16 -35.98 -26.23 -29.84
CA ARG C 16 -37.30 -26.00 -29.27
C ARG C 16 -37.29 -26.15 -27.75
N GLU C 17 -36.79 -27.29 -27.29
CA GLU C 17 -36.70 -27.56 -25.86
C GLU C 17 -35.99 -26.43 -25.13
N LEU C 18 -34.90 -25.95 -25.73
CA LEU C 18 -34.13 -24.86 -25.13
C LEU C 18 -34.99 -23.61 -24.97
N LYS C 19 -35.82 -23.33 -25.97
CA LYS C 19 -36.70 -22.17 -25.94
C LYS C 19 -37.69 -22.27 -24.77
N LEU C 20 -38.28 -23.45 -24.61
CA LEU C 20 -39.23 -23.68 -23.52
C LEU C 20 -38.55 -23.56 -22.17
N LYS C 21 -37.34 -24.12 -22.07
CA LYS C 21 -36.57 -24.06 -20.84
C LYS C 21 -35.98 -22.68 -20.61
N ASP C 22 -35.69 -21.99 -21.71
CA ASP C 22 -35.12 -20.64 -21.65
C ASP C 22 -36.13 -19.66 -21.09
N GLU C 23 -37.35 -19.68 -21.63
CA GLU C 23 -38.41 -18.79 -21.17
C GLU C 23 -38.70 -19.00 -19.69
N GLU C 24 -38.64 -20.26 -19.26
CA GLU C 24 -38.89 -20.60 -17.85
C GLU C 24 -38.01 -19.82 -16.86
N CYS C 25 -36.78 -19.51 -17.28
CA CYS C 25 -35.84 -18.74 -16.44
C CYS C 25 -36.00 -17.24 -16.60
N GLU C 26 -36.26 -16.77 -17.81
CA GLU C 26 -36.71 -15.39 -18.00
C GLU C 26 -37.89 -15.20 -17.03
N ARG C 27 -38.76 -16.20 -16.97
CA ARG C 27 -39.90 -16.21 -16.07
C ARG C 27 -39.46 -16.20 -14.61
N LEU C 28 -38.89 -17.31 -14.16
CA LEU C 28 -38.59 -17.50 -12.73
C LEU C 28 -37.68 -16.43 -12.10
N SER C 29 -36.63 -16.01 -12.79
CA SER C 29 -35.82 -14.91 -12.25
C SER C 29 -36.73 -13.77 -11.83
N LYS C 30 -37.76 -13.49 -12.62
CA LYS C 30 -38.75 -12.47 -12.28
C LYS C 30 -39.41 -12.75 -10.93
N VAL C 31 -39.65 -14.02 -10.60
CA VAL C 31 -40.17 -14.35 -9.28
C VAL C 31 -39.20 -13.97 -8.16
N ARG C 32 -37.92 -14.30 -8.29
CA ARG C 32 -36.93 -13.84 -7.32
C ARG C 32 -37.03 -12.36 -7.30
N ASP C 33 -36.69 -11.74 -8.42
CA ASP C 33 -36.70 -10.29 -8.52
C ASP C 33 -37.75 -9.68 -7.60
N GLN C 34 -38.98 -10.19 -7.64
CA GLN C 34 -40.05 -9.66 -6.78
C GLN C 34 -39.94 -10.17 -5.35
N LEU C 35 -39.79 -11.48 -5.16
CA LEU C 35 -39.57 -12.01 -3.82
C LEU C 35 -38.48 -11.27 -3.05
N GLY C 36 -37.54 -10.66 -3.75
CA GLY C 36 -36.49 -9.90 -3.09
C GLY C 36 -37.00 -8.56 -2.62
N GLN C 37 -37.80 -7.92 -3.46
CA GLN C 37 -38.34 -6.60 -3.16
C GLN C 37 -39.35 -6.71 -2.04
N GLU C 38 -40.04 -7.84 -1.92
CA GLU C 38 -40.92 -8.04 -0.80
C GLU C 38 -40.06 -8.08 0.46
N LEU C 39 -39.10 -9.00 0.51
CA LEU C 39 -38.13 -9.13 1.62
C LEU C 39 -37.33 -7.86 1.92
N GLU C 40 -37.09 -7.03 0.92
CA GLU C 40 -36.41 -5.75 1.13
C GLU C 40 -37.34 -4.83 1.90
N GLU C 41 -38.57 -4.69 1.42
CA GLU C 41 -39.58 -3.82 2.04
C GLU C 41 -39.94 -4.25 3.45
N LEU C 42 -40.18 -5.54 3.66
CA LEU C 42 -40.44 -6.06 5.02
C LEU C 42 -39.28 -5.73 5.98
N THR C 43 -38.07 -6.19 5.62
CA THR C 43 -36.89 -5.96 6.42
C THR C 43 -36.70 -4.49 6.72
N ALA C 44 -36.73 -3.59 5.74
CA ALA C 44 -36.54 -2.18 6.06
C ALA C 44 -37.48 -1.72 7.20
N SER C 45 -38.72 -2.22 7.20
CA SER C 45 -39.68 -1.87 8.27
C SER C 45 -39.18 -2.28 9.66
N LEU C 46 -38.78 -3.55 9.79
CA LEU C 46 -38.22 -4.06 11.03
C LEU C 46 -37.01 -3.25 11.49
N PHE C 47 -36.10 -2.94 10.56
CA PHE C 47 -34.88 -2.24 10.97
C PHE C 47 -35.25 -0.85 11.43
N GLU C 48 -36.16 -0.20 10.71
CA GLU C 48 -36.67 1.09 11.12
C GLU C 48 -37.18 1.09 12.56
N GLU C 49 -37.94 0.05 12.94
CA GLU C 49 -38.68 0.03 14.21
C GLU C 49 -37.77 -0.34 15.30
N ALA C 50 -36.95 -1.36 15.10
CA ALA C 50 -35.90 -1.63 16.08
C ALA C 50 -35.15 -0.33 16.37
N HIS C 51 -34.66 0.32 15.34
CA HIS C 51 -34.03 1.60 15.59
C HIS C 51 -34.95 2.65 16.29
N LYS C 52 -36.24 2.70 15.99
CA LYS C 52 -37.13 3.59 16.72
C LYS C 52 -37.01 3.33 18.24
N MET C 53 -37.17 2.06 18.63
CA MET C 53 -37.26 1.66 20.04
C MET C 53 -35.99 1.96 20.79
N VAL C 54 -34.88 1.54 20.20
CA VAL C 54 -33.56 1.79 20.75
C VAL C 54 -33.31 3.30 20.93
N ARG C 55 -33.69 4.09 19.93
CA ARG C 55 -33.44 5.52 19.97
C ARG C 55 -34.14 6.07 21.16
N GLU C 56 -35.38 5.64 21.33
CA GLU C 56 -36.21 6.09 22.46
C GLU C 56 -35.59 5.73 23.81
N ALA C 57 -35.22 4.46 23.96
CA ALA C 57 -34.44 4.00 25.11
C ALA C 57 -33.24 4.86 25.36
N ASN C 58 -32.51 5.26 24.31
CA ASN C 58 -31.37 6.15 24.47
C ASN C 58 -31.84 7.53 24.90
N ILE C 59 -32.60 8.20 24.04
CA ILE C 59 -33.17 9.51 24.36
C ILE C 59 -33.46 9.74 25.83
N LYS C 60 -34.08 8.76 26.47
CA LYS C 60 -34.44 8.86 27.88
C LYS C 60 -33.18 8.76 28.75
N GLN C 61 -32.43 7.68 28.59
CA GLN C 61 -31.12 7.53 29.22
C GLN C 61 -30.41 8.87 29.14
N ALA C 62 -30.29 9.40 27.95
CA ALA C 62 -29.53 10.61 27.73
C ALA C 62 -30.02 11.75 28.62
N THR C 63 -31.34 11.90 28.74
CA THR C 63 -31.87 13.01 29.53
C THR C 63 -31.52 12.80 30.98
N ALA C 64 -32.11 11.80 31.63
CA ALA C 64 -31.71 11.45 32.99
C ALA C 64 -30.21 11.74 33.25
N GLU C 65 -29.33 11.15 32.45
CA GLU C 65 -27.88 11.34 32.60
C GLU C 65 -27.47 12.80 32.42
N LYS C 66 -28.21 13.55 31.61
CA LYS C 66 -27.93 14.98 31.43
C LYS C 66 -28.46 15.81 32.59
N GLN C 67 -29.34 15.24 33.40
CA GLN C 67 -29.83 15.92 34.60
C GLN C 67 -28.81 15.84 35.75
N LEU C 68 -28.14 14.69 35.90
CA LEU C 68 -26.99 14.58 36.80
C LEU C 68 -25.96 15.68 36.54
N LYS C 69 -25.72 15.98 35.27
CA LYS C 69 -24.77 17.04 34.90
C LYS C 69 -25.26 18.41 35.42
N GLU C 70 -26.57 18.56 35.59
CA GLU C 70 -27.16 19.80 36.13
C GLU C 70 -26.65 20.17 37.54
N ALA C 71 -26.43 19.17 38.41
CA ALA C 71 -25.93 19.41 39.77
C ALA C 71 -24.40 19.45 39.84
N GLN C 72 -23.75 18.42 39.28
CA GLN C 72 -22.28 18.32 39.30
C GLN C 72 -21.59 19.50 38.60
N GLY C 73 -22.31 20.16 37.70
CA GLY C 73 -21.86 21.41 37.06
C GLY C 73 -22.09 22.64 37.94
N LYS C 74 -23.34 22.81 38.40
CA LYS C 74 -23.71 23.95 39.26
C LYS C 74 -23.35 23.65 40.71
N GLY D 3 -22.24 -27.28 -43.81
CA GLY D 3 -22.28 -28.61 -44.47
C GLY D 3 -22.47 -29.74 -43.49
N TYR D 4 -21.36 -30.24 -42.95
CA TYR D 4 -21.35 -31.43 -42.07
C TYR D 4 -21.02 -31.11 -40.61
N GLU D 5 -20.10 -30.17 -40.40
CA GLU D 5 -19.67 -29.77 -39.05
C GLU D 5 -20.66 -28.85 -38.34
N ARG D 6 -21.72 -28.44 -39.04
CA ARG D 6 -22.84 -27.73 -38.42
C ARG D 6 -23.82 -28.69 -37.72
N LEU D 7 -23.64 -29.99 -37.92
CA LEU D 7 -24.46 -31.05 -37.27
C LEU D 7 -23.93 -31.43 -35.90
N LYS D 8 -22.61 -31.37 -35.73
CA LYS D 8 -21.99 -31.56 -34.42
C LYS D 8 -21.98 -30.25 -33.62
N GLU D 9 -21.80 -29.11 -34.31
CA GLU D 9 -21.72 -27.78 -33.67
C GLU D 9 -23.09 -27.15 -33.32
N GLU D 10 -24.18 -27.83 -33.69
CA GLU D 10 -25.54 -27.43 -33.29
C GLU D 10 -26.20 -28.44 -32.32
N LEU D 11 -25.92 -29.75 -32.48
CA LEU D 11 -26.36 -30.78 -31.52
C LEU D 11 -25.48 -30.80 -30.24
N ALA D 12 -24.32 -30.15 -30.30
CA ALA D 12 -23.45 -29.92 -29.13
C ALA D 12 -23.62 -28.52 -28.52
N LYS D 13 -24.36 -27.65 -29.21
CA LYS D 13 -24.86 -26.39 -28.64
C LYS D 13 -26.18 -26.67 -27.92
N ALA D 14 -26.96 -27.60 -28.46
CA ALA D 14 -28.16 -28.15 -27.78
C ALA D 14 -27.79 -29.28 -26.82
N GLN D 15 -26.49 -29.55 -26.71
CA GLN D 15 -25.92 -30.22 -25.56
C GLN D 15 -25.38 -29.14 -24.60
N ARG D 16 -24.75 -28.11 -25.16
CA ARG D 16 -24.11 -27.01 -24.40
C ARG D 16 -25.07 -26.23 -23.49
N GLU D 17 -25.99 -25.46 -24.06
CA GLU D 17 -26.96 -24.69 -23.28
C GLU D 17 -28.19 -25.52 -22.82
N LEU D 18 -28.29 -26.78 -23.27
CA LEU D 18 -29.32 -27.72 -22.80
C LEU D 18 -29.16 -28.03 -21.32
N LYS D 19 -27.93 -27.87 -20.82
CA LYS D 19 -27.57 -28.08 -19.41
C LYS D 19 -27.91 -26.88 -18.52
N LEU D 20 -27.94 -25.69 -19.09
CA LEU D 20 -28.29 -24.48 -18.34
C LEU D 20 -29.56 -24.72 -17.52
N LYS D 21 -30.64 -25.06 -18.21
CA LYS D 21 -31.92 -25.35 -17.56
C LYS D 21 -31.82 -26.42 -16.49
N ASP D 22 -30.84 -27.33 -16.60
CA ASP D 22 -30.67 -28.37 -15.59
C ASP D 22 -30.45 -27.76 -14.22
N GLU D 23 -29.38 -26.98 -14.11
CA GLU D 23 -28.93 -26.42 -12.85
C GLU D 23 -29.78 -25.21 -12.49
N GLU D 24 -29.86 -24.25 -13.42
CA GLU D 24 -30.54 -22.97 -13.20
C GLU D 24 -31.93 -23.10 -12.55
N CYS D 25 -32.71 -24.08 -12.96
CA CYS D 25 -34.04 -24.28 -12.39
C CYS D 25 -34.03 -25.07 -11.08
N GLU D 26 -32.86 -25.54 -10.66
CA GLU D 26 -32.66 -25.98 -9.29
C GLU D 26 -32.22 -24.76 -8.46
N ARG D 27 -31.35 -23.93 -9.03
CA ARG D 27 -30.89 -22.72 -8.36
C ARG D 27 -32.06 -21.84 -8.01
N LEU D 28 -32.83 -21.43 -9.03
CA LEU D 28 -33.91 -20.46 -8.83
C LEU D 28 -35.08 -20.96 -7.99
N SER D 29 -35.25 -22.27 -7.88
CA SER D 29 -36.31 -22.84 -7.02
C SER D 29 -35.98 -22.70 -5.54
N LYS D 30 -34.73 -22.99 -5.20
CA LYS D 30 -34.30 -22.98 -3.82
C LYS D 30 -34.16 -21.57 -3.22
N VAL D 31 -34.40 -20.52 -4.00
CA VAL D 31 -34.38 -19.14 -3.48
C VAL D 31 -35.57 -18.83 -2.59
N ARG D 32 -36.78 -19.02 -3.08
CA ARG D 32 -37.97 -18.74 -2.28
C ARG D 32 -37.81 -19.25 -0.83
N ASP D 33 -37.46 -20.52 -0.64
CA ASP D 33 -37.30 -20.99 0.71
C ASP D 33 -36.20 -20.20 1.37
N GLN D 34 -35.02 -20.16 0.76
CA GLN D 34 -33.85 -19.51 1.37
C GLN D 34 -34.18 -18.13 1.92
N LEU D 35 -34.83 -17.36 1.09
CA LEU D 35 -35.27 -16.03 1.41
C LEU D 35 -36.20 -15.99 2.63
N GLY D 36 -37.09 -16.98 2.75
CA GLY D 36 -37.93 -17.12 3.94
C GLY D 36 -37.12 -17.55 5.13
N GLN D 37 -36.24 -18.52 4.94
CA GLN D 37 -35.46 -19.01 6.05
C GLN D 37 -34.48 -17.98 6.61
N GLU D 38 -33.96 -17.09 5.76
CA GLU D 38 -33.09 -16.02 6.23
C GLU D 38 -33.91 -14.96 6.91
N LEU D 39 -35.05 -14.61 6.35
CA LEU D 39 -35.93 -13.69 7.05
C LEU D 39 -36.19 -14.16 8.46
N GLU D 40 -36.50 -15.43 8.66
CA GLU D 40 -36.87 -15.87 9.99
C GLU D 40 -35.78 -15.56 10.98
N GLU D 41 -34.55 -15.92 10.62
CA GLU D 41 -33.43 -15.73 11.52
C GLU D 41 -33.07 -14.25 11.66
N LEU D 42 -33.00 -13.51 10.57
CA LEU D 42 -32.70 -12.08 10.70
C LEU D 42 -33.62 -11.46 11.76
N THR D 43 -34.89 -11.82 11.69
CA THR D 43 -35.88 -11.26 12.58
C THR D 43 -35.72 -11.73 14.01
N ALA D 44 -35.49 -13.02 14.21
CA ALA D 44 -35.18 -13.44 15.57
C ALA D 44 -34.05 -12.59 16.12
N SER D 45 -32.96 -12.44 15.38
CA SER D 45 -31.83 -11.60 15.83
C SER D 45 -32.20 -10.17 16.04
N LEU D 46 -32.91 -9.61 15.09
CA LEU D 46 -33.29 -8.22 15.17
C LEU D 46 -34.07 -7.94 16.45
N PHE D 47 -35.05 -8.79 16.74
CA PHE D 47 -35.81 -8.69 17.97
C PHE D 47 -34.86 -8.64 19.17
N GLU D 48 -34.07 -9.69 19.23
CA GLU D 48 -33.16 -9.95 20.32
C GLU D 48 -32.05 -8.92 20.47
N GLU D 49 -31.49 -8.51 19.37
CA GLU D 49 -30.40 -7.56 19.43
C GLU D 49 -30.93 -6.22 19.88
N ALA D 50 -32.10 -5.83 19.36
CA ALA D 50 -32.76 -4.57 19.78
C ALA D 50 -33.26 -4.64 21.21
N HIS D 51 -33.52 -5.84 21.73
CA HIS D 51 -33.88 -5.97 23.13
C HIS D 51 -32.69 -5.83 24.05
N LYS D 52 -31.54 -6.38 23.66
CA LYS D 52 -30.31 -6.23 24.45
C LYS D 52 -29.98 -4.76 24.60
N MET D 53 -29.91 -4.08 23.46
CA MET D 53 -29.52 -2.69 23.37
C MET D 53 -30.43 -1.75 24.13
N VAL D 54 -31.73 -2.06 24.14
CA VAL D 54 -32.71 -1.20 24.78
C VAL D 54 -32.58 -1.34 26.27
N ARG D 55 -32.39 -2.58 26.73
CA ARG D 55 -32.12 -2.84 28.14
C ARG D 55 -30.81 -2.16 28.64
N GLU D 56 -29.76 -2.12 27.81
CA GLU D 56 -28.52 -1.39 28.15
C GLU D 56 -28.81 0.02 28.59
N ALA D 57 -29.59 0.75 27.81
CA ALA D 57 -29.86 2.15 28.11
C ALA D 57 -31.19 2.36 28.82
N ASN D 58 -31.73 1.29 29.39
CA ASN D 58 -32.69 1.39 30.46
C ASN D 58 -31.84 1.48 31.72
N ILE D 59 -30.98 0.47 31.85
CA ILE D 59 -30.04 0.31 32.97
C ILE D 59 -29.19 1.55 33.22
N LYS D 60 -28.87 2.28 32.15
CA LYS D 60 -28.08 3.50 32.27
C LYS D 60 -28.80 4.52 33.14
N GLN D 61 -30.12 4.55 33.02
CA GLN D 61 -30.94 5.47 33.81
C GLN D 61 -30.86 5.11 35.30
N ALA D 62 -30.84 3.82 35.59
CA ALA D 62 -30.72 3.34 36.97
C ALA D 62 -29.47 3.90 37.63
N THR D 63 -28.34 3.75 36.96
CA THR D 63 -27.07 4.26 37.46
C THR D 63 -27.11 5.79 37.52
N ALA D 64 -27.74 6.40 36.54
CA ALA D 64 -27.87 7.86 36.49
C ALA D 64 -29.14 8.41 37.17
N GLU D 65 -29.77 7.59 38.00
CA GLU D 65 -30.87 8.02 38.88
C GLU D 65 -30.54 7.67 40.35
N LYS D 66 -29.94 6.49 40.57
CA LYS D 66 -29.34 6.14 41.85
C LYS D 66 -28.20 7.11 42.18
N GLN D 67 -27.61 7.75 41.16
CA GLN D 67 -26.65 8.83 41.41
C GLN D 67 -27.35 10.18 41.69
N LEU D 68 -28.67 10.19 41.75
CA LEU D 68 -29.43 11.35 42.30
C LEU D 68 -30.36 10.99 43.46
N LYS D 69 -30.85 9.75 43.50
CA LYS D 69 -31.69 9.29 44.60
C LYS D 69 -30.83 9.08 45.86
N GLU D 70 -29.74 8.32 45.71
CA GLU D 70 -28.78 8.08 46.82
C GLU D 70 -27.94 9.33 47.12
N ALA D 71 -27.62 10.11 46.08
CA ALA D 71 -26.91 11.39 46.23
C ALA D 71 -27.80 12.54 46.74
N GLN D 72 -29.11 12.46 46.53
CA GLN D 72 -30.07 13.40 47.13
C GLN D 72 -30.33 13.07 48.62
N GLY D 73 -29.98 11.85 49.04
CA GLY D 73 -30.02 11.43 50.45
C GLY D 73 -28.67 10.91 50.93
N GLY E 3 19.64 25.22 -52.38
CA GLY E 3 20.38 24.86 -51.14
C GLY E 3 20.81 23.41 -51.13
N TYR E 4 21.33 22.94 -52.27
CA TYR E 4 21.82 21.56 -52.41
C TYR E 4 23.27 21.45 -51.93
N GLU E 5 24.08 22.44 -52.27
CA GLU E 5 25.44 22.55 -51.75
C GLU E 5 25.42 23.07 -50.31
N ARG E 6 24.41 23.87 -49.97
CA ARG E 6 24.25 24.41 -48.61
C ARG E 6 23.87 23.31 -47.60
N LEU E 7 23.08 22.34 -48.04
CA LEU E 7 22.69 21.20 -47.20
C LEU E 7 23.72 20.06 -47.23
N LYS E 8 24.35 19.86 -48.39
CA LYS E 8 25.44 18.88 -48.53
C LYS E 8 26.67 19.28 -47.70
N GLU E 9 26.89 20.59 -47.57
CA GLU E 9 28.02 21.13 -46.80
C GLU E 9 27.71 21.26 -45.30
N GLU E 10 26.55 21.85 -44.98
CA GLU E 10 26.13 22.06 -43.58
C GLU E 10 25.93 20.75 -42.79
N LEU E 11 25.37 19.74 -43.45
CA LEU E 11 25.23 18.41 -42.84
C LEU E 11 26.57 17.74 -42.55
N ALA E 12 27.65 18.17 -43.23
CA ALA E 12 29.01 17.71 -42.93
C ALA E 12 29.56 18.40 -41.67
N LYS E 13 29.23 19.69 -41.51
CA LYS E 13 29.56 20.43 -40.30
C LYS E 13 28.77 19.91 -39.09
N ALA E 14 27.46 19.74 -39.26
CA ALA E 14 26.60 19.15 -38.22
C ALA E 14 26.90 17.65 -37.99
N GLN E 15 27.41 16.99 -39.03
CA GLN E 15 27.77 15.58 -38.93
C GLN E 15 29.02 15.41 -38.07
N ARG E 16 29.91 16.39 -38.15
CA ARG E 16 31.13 16.37 -37.36
C ARG E 16 30.88 16.94 -35.97
N GLU E 17 30.01 17.94 -35.90
CA GLU E 17 29.66 18.56 -34.63
C GLU E 17 29.10 17.52 -33.66
N LEU E 18 28.07 16.82 -34.09
CA LEU E 18 27.46 15.76 -33.29
C LEU E 18 28.47 14.68 -32.99
N LYS E 19 29.38 14.45 -33.94
CA LYS E 19 30.43 13.45 -33.78
C LYS E 19 31.55 13.99 -32.89
N LEU E 20 31.91 15.25 -33.09
CA LEU E 20 32.94 15.90 -32.29
C LEU E 20 32.65 15.71 -30.81
N LYS E 21 31.46 16.11 -30.38
CA LYS E 21 31.03 15.95 -28.99
C LYS E 21 30.90 14.50 -28.55
N ASP E 22 30.40 13.65 -29.45
CA ASP E 22 30.41 12.20 -29.20
C ASP E 22 31.76 11.79 -28.64
N GLU E 23 32.81 12.03 -29.42
CA GLU E 23 34.16 11.69 -29.00
C GLU E 23 34.56 12.46 -27.75
N GLU E 24 34.10 13.70 -27.67
CA GLU E 24 34.39 14.55 -26.51
C GLU E 24 33.64 14.05 -25.28
N CYS E 25 32.43 13.54 -25.49
CA CYS E 25 31.62 13.02 -24.39
C CYS E 25 32.32 11.85 -23.72
N GLU E 26 32.75 10.87 -24.51
CA GLU E 26 33.43 9.70 -24.00
C GLU E 26 34.66 10.11 -23.18
N ARG E 27 35.33 11.17 -23.62
CA ARG E 27 36.51 11.67 -22.95
C ARG E 27 36.15 12.31 -21.61
N LEU E 28 35.06 13.09 -21.61
CA LEU E 28 34.60 13.76 -20.40
C LEU E 28 34.02 12.77 -19.42
N SER E 29 33.33 11.75 -19.94
CA SER E 29 32.78 10.70 -19.10
C SER E 29 33.83 9.74 -18.56
N LYS E 30 34.87 9.48 -19.33
CA LYS E 30 35.84 8.48 -18.96
C LYS E 30 36.67 8.96 -17.78
N VAL E 31 36.98 10.25 -17.75
CA VAL E 31 37.68 10.84 -16.61
C VAL E 31 36.75 10.87 -15.38
N ARG E 32 35.45 11.08 -15.60
CA ARG E 32 34.47 11.11 -14.52
C ARG E 32 34.21 9.72 -13.93
N ASP E 33 34.90 8.72 -14.44
CA ASP E 33 34.81 7.39 -13.88
C ASP E 33 36.08 7.04 -13.22
N GLN E 34 37.18 7.46 -13.83
CA GLN E 34 38.47 7.24 -13.23
C GLN E 34 38.48 7.98 -11.92
N LEU E 35 37.87 9.16 -11.88
CA LEU E 35 37.88 9.98 -10.66
C LEU E 35 37.02 9.36 -9.61
N GLY E 36 35.86 8.88 -10.01
CA GLY E 36 34.99 8.19 -9.09
C GLY E 36 35.56 6.94 -8.44
N GLN E 37 36.34 6.15 -9.18
CA GLN E 37 36.97 4.98 -8.61
C GLN E 37 37.96 5.45 -7.58
N GLU E 38 38.85 6.36 -7.97
CA GLU E 38 39.80 6.98 -7.06
C GLU E 38 39.14 7.46 -5.76
N LEU E 39 37.97 8.07 -5.90
CA LEU E 39 37.26 8.62 -4.75
C LEU E 39 36.51 7.54 -3.96
N GLU E 40 36.30 6.39 -4.57
CA GLU E 40 35.68 5.25 -3.89
C GLU E 40 36.73 4.69 -2.96
N GLU E 41 37.93 4.54 -3.49
CA GLU E 41 39.01 3.87 -2.79
C GLU E 41 39.49 4.77 -1.65
N LEU E 42 39.33 6.07 -1.83
CA LEU E 42 39.74 7.03 -0.82
C LEU E 42 38.78 6.96 0.36
N THR E 43 37.48 7.05 0.06
CA THR E 43 36.44 7.01 1.07
C THR E 43 36.29 5.63 1.67
N ALA E 44 36.48 4.56 0.89
CA ALA E 44 36.52 3.23 1.50
C ALA E 44 37.56 3.21 2.61
N SER E 45 38.67 3.90 2.41
CA SER E 45 39.77 3.91 3.40
C SER E 45 39.42 4.72 4.62
N LEU E 46 38.80 5.87 4.41
CA LEU E 46 38.39 6.73 5.51
C LEU E 46 37.32 6.07 6.36
N PHE E 47 36.22 5.67 5.72
CA PHE E 47 35.13 5.00 6.41
C PHE E 47 35.65 3.86 7.27
N GLU E 48 36.66 3.16 6.76
CA GLU E 48 37.26 2.05 7.50
C GLU E 48 38.04 2.56 8.71
N GLU E 49 38.61 3.75 8.57
CA GLU E 49 39.37 4.37 9.65
C GLU E 49 38.44 4.87 10.75
N ALA E 50 37.47 5.69 10.36
CA ALA E 50 36.50 6.23 11.31
C ALA E 50 35.93 5.11 12.18
N HIS E 51 35.50 4.03 11.52
CA HIS E 51 34.96 2.88 12.23
C HIS E 51 36.05 2.29 13.09
N LYS E 52 37.15 1.89 12.49
CA LYS E 52 38.21 1.25 13.27
C LYS E 52 38.53 1.99 14.55
N MET E 53 38.64 3.31 14.47
CA MET E 53 38.90 4.12 15.64
C MET E 53 37.79 4.09 16.66
N VAL E 54 36.58 4.31 16.18
CA VAL E 54 35.40 4.36 17.03
C VAL E 54 35.15 3.04 17.72
N ARG E 55 35.51 1.94 17.10
CA ARG E 55 35.28 0.63 17.72
C ARG E 55 36.16 0.43 18.94
N GLU E 56 37.44 0.76 18.84
CA GLU E 56 38.38 0.58 19.95
C GLU E 56 38.06 1.53 21.08
N ALA E 57 37.45 2.66 20.76
CA ALA E 57 36.90 3.52 21.79
C ALA E 57 35.86 2.74 22.56
N ASN E 58 34.96 2.07 21.83
CA ASN E 58 33.85 1.28 22.38
C ASN E 58 34.28 0.01 23.09
N ILE E 59 35.16 -0.77 22.47
CA ILE E 59 35.72 -1.97 23.11
C ILE E 59 36.19 -1.67 24.53
N LYS E 60 36.82 -0.52 24.71
CA LYS E 60 37.34 -0.15 26.01
C LYS E 60 36.17 0.27 26.89
N GLN E 61 35.35 1.22 26.44
CA GLN E 61 34.13 1.56 27.17
C GLN E 61 33.43 0.28 27.64
N ALA E 62 33.52 -0.78 26.85
CA ALA E 62 32.91 -2.06 27.16
C ALA E 62 33.44 -2.66 28.47
N THR E 63 34.74 -2.90 28.53
CA THR E 63 35.34 -3.60 29.67
C THR E 63 35.43 -2.76 30.95
N ALA E 64 35.01 -1.51 30.90
CA ALA E 64 34.95 -0.65 32.11
C ALA E 64 33.59 -0.76 32.80
N GLU E 65 32.53 -0.80 31.96
CA GLU E 65 31.17 -1.06 32.43
C GLU E 65 30.99 -2.54 32.79
N LYS E 66 31.69 -3.43 32.07
CA LYS E 66 31.68 -4.87 32.37
C LYS E 66 32.36 -5.17 33.70
N GLN E 67 33.33 -4.34 34.08
CA GLN E 67 33.95 -4.41 35.40
C GLN E 67 32.97 -3.96 36.49
N LEU E 68 32.31 -2.82 36.25
CA LEU E 68 31.40 -2.20 37.22
C LEU E 68 30.09 -2.97 37.41
N LYS E 69 29.63 -3.70 36.38
CA LYS E 69 28.49 -4.60 36.55
C LYS E 69 28.92 -5.88 37.29
N GLU E 70 30.22 -6.17 37.30
CA GLU E 70 30.80 -7.21 38.15
C GLU E 70 30.69 -6.86 39.64
N ALA E 71 31.05 -5.62 40.00
CA ALA E 71 30.95 -5.16 41.38
C ALA E 71 29.59 -4.50 41.74
N GLN E 72 28.97 -3.81 40.77
CA GLN E 72 27.72 -3.06 41.00
C GLN E 72 26.56 -3.96 41.46
N GLY E 73 26.48 -5.16 40.90
CA GLY E 73 25.43 -6.10 41.29
C GLY E 73 25.68 -6.81 42.61
N LYS E 74 26.96 -7.04 42.95
CA LYS E 74 27.37 -7.80 44.14
C LYS E 74 27.15 -7.07 45.47
N ILE E 75 27.36 -5.76 45.48
CA ILE E 75 26.99 -4.92 46.62
C ILE E 75 25.49 -4.63 46.60
N ASP E 76 24.91 -4.63 45.40
CA ASP E 76 23.46 -4.48 45.21
C ASP E 76 22.68 -5.71 45.66
N VAL E 77 23.35 -6.86 45.73
CA VAL E 77 22.73 -8.09 46.23
C VAL E 77 22.43 -7.99 47.73
N LEU E 78 23.40 -7.52 48.51
CA LEU E 78 23.24 -7.32 49.95
C LEU E 78 24.35 -6.44 50.51
N GLY F 3 16.58 14.77 -51.95
CA GLY F 3 17.52 15.80 -52.47
C GLY F 3 17.35 17.11 -51.73
N TYR F 4 16.77 18.11 -52.40
CA TYR F 4 16.43 19.37 -51.74
C TYR F 4 15.32 19.17 -50.70
N GLU F 5 14.68 18.00 -50.76
CA GLU F 5 13.72 17.57 -49.75
C GLU F 5 14.43 17.03 -48.50
N ARG F 6 15.32 16.07 -48.70
CA ARG F 6 16.00 15.36 -47.60
C ARG F 6 16.77 16.25 -46.60
N LEU F 7 17.23 17.41 -47.06
CA LEU F 7 17.96 18.36 -46.22
C LEU F 7 17.11 19.02 -45.13
N LYS F 8 15.80 18.80 -45.17
CA LYS F 8 14.89 19.30 -44.13
C LYS F 8 14.69 18.31 -42.97
N GLU F 9 15.53 17.27 -42.90
CA GLU F 9 15.45 16.26 -41.84
C GLU F 9 16.63 16.35 -40.86
N GLU F 10 17.85 16.39 -41.41
CA GLU F 10 19.08 16.39 -40.60
C GLU F 10 19.18 17.59 -39.64
N LEU F 11 18.77 18.77 -40.10
CA LEU F 11 18.99 20.01 -39.35
C LEU F 11 18.05 20.26 -38.15
N ALA F 12 16.93 19.55 -38.07
CA ALA F 12 15.95 19.74 -36.97
C ALA F 12 15.88 18.58 -35.96
N LYS F 13 16.68 17.54 -36.19
CA LYS F 13 16.81 16.42 -35.26
C LYS F 13 18.23 16.36 -34.68
N ALA F 14 19.24 16.39 -35.55
CA ALA F 14 20.63 16.52 -35.11
C ALA F 14 20.83 17.72 -34.18
N GLN F 15 19.96 18.72 -34.32
CA GLN F 15 19.90 19.88 -33.42
C GLN F 15 19.39 19.50 -32.02
N ARG F 16 18.36 18.67 -31.94
CA ARG F 16 17.94 18.11 -30.65
C ARG F 16 19.02 17.18 -30.08
N GLU F 17 19.81 16.59 -30.99
CA GLU F 17 20.99 15.78 -30.62
C GLU F 17 22.11 16.63 -30.00
N LEU F 18 22.73 17.52 -30.79
CA LEU F 18 23.83 18.38 -30.31
C LEU F 18 23.48 19.19 -29.05
N LYS F 19 22.25 19.70 -28.98
CA LYS F 19 21.80 20.43 -27.79
C LYS F 19 21.77 19.51 -26.57
N LEU F 20 21.31 18.28 -26.76
CA LEU F 20 21.33 17.28 -25.70
C LEU F 20 22.76 16.98 -25.18
N LYS F 21 23.71 16.76 -26.10
CA LYS F 21 25.09 16.43 -25.73
C LYS F 21 25.83 17.62 -25.13
N ASP F 22 25.74 18.79 -25.78
CA ASP F 22 26.30 20.05 -25.25
C ASP F 22 26.02 20.21 -23.77
N GLU F 23 24.78 19.91 -23.39
CA GLU F 23 24.36 20.05 -22.01
C GLU F 23 25.01 19.00 -21.12
N GLU F 24 25.33 17.84 -21.69
CA GLU F 24 25.99 16.78 -20.94
C GLU F 24 27.38 17.24 -20.47
N CYS F 25 28.25 17.59 -21.41
CA CYS F 25 29.63 18.00 -21.08
C CYS F 25 29.63 19.13 -20.09
N GLU F 26 28.74 20.09 -20.30
CA GLU F 26 28.55 21.14 -19.33
C GLU F 26 28.53 20.55 -17.92
N ARG F 27 27.81 19.45 -17.74
CA ARG F 27 27.79 18.75 -16.47
C ARG F 27 29.12 18.05 -16.19
N LEU F 28 29.48 17.11 -17.08
CA LEU F 28 30.70 16.29 -16.90
C LEU F 28 31.96 17.14 -16.69
N SER F 29 31.89 18.40 -17.07
CA SER F 29 33.00 19.31 -16.88
C SER F 29 33.11 19.70 -15.41
N LYS F 30 31.98 20.04 -14.82
CA LYS F 30 31.96 20.47 -13.43
C LYS F 30 32.23 19.34 -12.43
N VAL F 31 32.24 18.09 -12.88
CA VAL F 31 32.53 16.93 -12.01
C VAL F 31 33.83 17.05 -11.20
N ARG F 32 35.01 16.98 -11.81
CA ARG F 32 36.24 16.92 -10.99
C ARG F 32 36.16 17.83 -9.78
N ASP F 33 35.85 19.09 -10.02
CA ASP F 33 35.87 20.05 -8.94
C ASP F 33 34.95 19.59 -7.83
N GLN F 34 33.68 19.39 -8.15
CA GLN F 34 32.69 18.85 -7.19
C GLN F 34 33.14 17.63 -6.39
N LEU F 35 33.54 16.59 -7.10
CA LEU F 35 34.00 15.41 -6.42
C LEU F 35 34.99 15.86 -5.35
N GLY F 36 35.94 16.70 -5.72
CA GLY F 36 36.88 17.25 -4.74
C GLY F 36 36.16 18.07 -3.67
N GLN F 37 35.40 19.06 -4.12
CA GLN F 37 34.61 19.89 -3.23
C GLN F 37 33.87 19.05 -2.16
N GLU F 38 33.10 18.07 -2.62
CA GLU F 38 32.40 17.13 -1.73
C GLU F 38 33.38 16.34 -0.86
N LEU F 39 34.45 15.84 -1.45
CA LEU F 39 35.40 15.04 -0.71
C LEU F 39 35.87 15.82 0.52
N GLU F 40 36.19 17.10 0.37
CA GLU F 40 36.61 17.87 1.53
C GLU F 40 35.51 17.78 2.57
N GLU F 41 34.28 18.18 2.21
CA GLU F 41 33.18 18.20 3.17
C GLU F 41 32.94 16.84 3.80
N LEU F 42 33.07 15.79 3.03
CA LEU F 42 32.88 14.51 3.65
C LEU F 42 33.98 14.30 4.69
N THR F 43 35.24 14.49 4.32
CA THR F 43 36.37 14.11 5.17
C THR F 43 36.30 14.88 6.50
N ALA F 44 36.10 16.19 6.42
CA ALA F 44 35.80 17.00 7.61
C ALA F 44 34.72 16.33 8.47
N SER F 45 33.53 16.17 7.90
CA SER F 45 32.41 15.56 8.60
C SER F 45 32.76 14.21 9.12
N LEU F 46 33.58 13.47 8.40
CA LEU F 46 34.01 12.21 8.92
C LEU F 46 34.79 12.48 10.18
N PHE F 47 35.74 13.39 10.07
CA PHE F 47 36.61 13.70 11.19
C PHE F 47 35.79 14.10 12.38
N GLU F 48 34.91 15.06 12.19
CA GLU F 48 34.28 15.67 13.33
C GLU F 48 33.43 14.65 14.06
N GLU F 49 32.62 13.91 13.31
CA GLU F 49 31.75 12.89 13.90
C GLU F 49 32.58 11.82 14.60
N ALA F 50 33.67 11.40 13.95
CA ALA F 50 34.54 10.38 14.52
C ALA F 50 34.99 10.76 15.92
N HIS F 51 35.43 12.01 16.08
CA HIS F 51 35.87 12.50 17.37
C HIS F 51 34.75 12.52 18.36
N LYS F 52 33.61 13.08 17.94
CA LYS F 52 32.43 13.15 18.79
C LYS F 52 31.99 11.76 19.25
N MET F 53 32.32 10.75 18.45
CA MET F 53 31.97 9.38 18.78
C MET F 53 32.98 8.77 19.73
N VAL F 54 34.27 8.97 19.44
CA VAL F 54 35.35 8.45 20.29
C VAL F 54 35.35 9.21 21.63
N ARG F 55 34.90 10.45 21.59
CA ARG F 55 34.73 11.26 22.80
C ARG F 55 33.67 10.66 23.71
N GLU F 56 32.44 10.60 23.23
CA GLU F 56 31.31 10.05 24.00
C GLU F 56 31.65 8.73 24.67
N ALA F 57 32.37 7.87 23.99
CA ALA F 57 32.77 6.58 24.55
C ALA F 57 34.02 6.66 25.43
N ASN F 58 34.50 7.87 25.70
CA ASN F 58 35.61 8.08 26.63
C ASN F 58 35.10 8.67 27.92
N ILE F 59 34.24 9.67 27.79
CA ILE F 59 33.49 10.17 28.94
C ILE F 59 33.03 8.97 29.74
N LYS F 60 32.42 8.01 29.06
CA LYS F 60 31.80 6.87 29.71
C LYS F 60 32.79 5.78 30.12
N GLN F 61 34.07 5.98 29.82
CA GLN F 61 35.12 5.10 30.33
C GLN F 61 35.67 5.64 31.66
N ALA F 62 35.70 6.97 31.79
CA ALA F 62 36.16 7.61 33.02
C ALA F 62 35.07 7.59 34.08
N THR F 63 33.86 8.01 33.73
CA THR F 63 32.77 8.04 34.70
C THR F 63 32.43 6.63 35.23
N ALA F 64 32.53 5.61 34.37
CA ALA F 64 32.33 4.23 34.81
C ALA F 64 33.50 3.73 35.66
N GLU F 65 34.67 4.33 35.46
CA GLU F 65 35.86 4.03 36.27
C GLU F 65 35.84 4.76 37.62
N LYS F 66 35.18 5.93 37.64
CA LYS F 66 34.99 6.72 38.87
C LYS F 66 33.99 6.06 39.82
N GLN F 67 33.32 4.99 39.36
CA GLN F 67 32.53 4.13 40.23
C GLN F 67 33.46 3.12 40.88
N LEU F 68 34.52 2.71 40.19
CA LEU F 68 35.55 1.88 40.81
C LEU F 68 36.48 2.69 41.72
N LYS F 69 36.32 4.01 41.77
CA LYS F 69 37.07 4.89 42.67
C LYS F 69 36.19 5.54 43.76
N GLU F 70 34.97 5.92 43.37
CA GLU F 70 34.02 6.62 44.27
C GLU F 70 32.71 5.86 44.53
N ALA F 71 32.62 4.61 44.05
CA ALA F 71 31.54 3.70 44.46
C ALA F 71 32.07 2.31 44.90
N GLN F 72 33.40 2.16 44.99
CA GLN F 72 34.04 1.01 45.62
C GLN F 72 34.53 1.35 47.02
N GLY F 73 34.91 2.61 47.21
CA GLY F 73 35.30 3.14 48.51
C GLY F 73 34.15 3.40 49.46
N LYS F 74 32.96 3.64 48.89
CA LYS F 74 31.72 3.67 49.67
C LYS F 74 31.40 2.26 50.21
N ILE F 75 31.91 1.23 49.53
CA ILE F 75 31.93 -0.14 50.05
C ILE F 75 33.00 -0.31 51.15
N ASP F 76 34.10 0.41 51.02
CA ASP F 76 35.14 0.47 52.05
C ASP F 76 34.77 1.41 53.21
N VAL F 77 33.87 2.37 52.95
CA VAL F 77 33.43 3.36 53.95
C VAL F 77 32.20 2.89 54.75
N LEU F 78 31.23 2.29 54.06
CA LEU F 78 30.02 1.78 54.72
C LEU F 78 30.31 0.47 55.45
PG GTP G . 17.61 5.71 7.77
O1G GTP G . 18.30 6.10 9.05
O2G GTP G . 16.30 5.12 8.23
O3G GTP G . 17.50 6.86 6.76
O3B GTP G . 18.48 4.56 7.09
PB GTP G . 17.69 3.27 6.68
O1B GTP G . 18.78 2.32 6.35
O2B GTP G . 16.70 3.43 5.58
O3A GTP G . 16.89 2.84 8.00
PA GTP G . 17.66 2.30 9.31
O1A GTP G . 18.26 3.48 10.04
O2A GTP G . 18.64 1.19 8.97
O5' GTP G . 16.43 1.69 10.11
C5' GTP G . 15.41 2.61 10.44
C4' GTP G . 14.47 2.05 11.51
O4' GTP G . 13.88 0.84 11.07
C3' GTP G . 15.18 1.73 12.81
O3' GTP G . 14.34 2.14 13.85
C2' GTP G . 15.29 0.23 12.85
O2' GTP G . 15.26 -0.23 14.17
C1' GTP G . 14.05 -0.15 12.05
N9 GTP G . 14.19 -1.41 11.32
C8 GTP G . 15.08 -1.62 10.31
N7 GTP G . 14.92 -2.88 9.85
C5 GTP G . 13.90 -3.43 10.55
C6 GTP G . 13.33 -4.67 10.45
O6 GTP G . 13.77 -5.46 9.65
N1 GTP G . 12.30 -5.02 11.27
C2 GTP G . 11.84 -4.10 12.19
N2 GTP G . 10.86 -4.47 12.98
N3 GTP G . 12.39 -2.83 12.29
C4 GTP G . 13.41 -2.52 11.47
PG GTP H . -17.47 -3.00 10.67
O1G GTP H . -18.04 -3.06 12.08
O2G GTP H . -15.97 -2.88 10.89
O3G GTP H . -17.81 -4.18 9.77
O3B GTP H . -18.20 -1.78 9.94
PB GTP H . -17.43 -0.91 8.89
O1B GTP H . -18.50 -0.05 8.35
O2B GTP H . -16.59 -1.60 7.85
O3A GTP H . -16.49 -0.04 9.81
PA GTP H . -17.06 0.61 11.15
O1A GTP H . -17.44 -0.51 12.12
O2A GTP H . -18.21 1.51 10.78
O5' GTP H . -15.86 1.49 11.77
C5' GTP H . -14.68 0.83 12.15
C4' GTP H . -13.80 1.70 13.03
O4' GTP H . -13.27 2.75 12.28
C3' GTP H . -14.59 2.31 14.18
O3' GTP H . -13.88 2.17 15.39
C2' GTP H . -14.70 3.78 13.88
O2' GTP H . -14.56 4.52 15.07
C1' GTP H . -13.53 3.99 12.93
N9 GTP H . -13.81 5.02 11.94
C8 GTP H . -14.86 5.01 11.07
N7 GTP H . -14.76 6.11 10.31
C5 GTP H . -13.66 6.79 10.66
C6 GTP H . -13.10 7.99 10.19
O6 GTP H . -13.64 8.63 9.27
N1 GTP H . -11.91 8.45 10.78
C2 GTP H . -11.34 7.74 11.82
N2 GTP H . -10.23 8.22 12.36
N3 GTP H . -11.91 6.57 12.27
C4 GTP H . -13.05 6.12 11.69
#